data_6RRX
#
_entry.id   6RRX
#
_cell.length_a   89.005
_cell.length_b   91.377
_cell.length_c   132.527
_cell.angle_alpha   90.000
_cell.angle_beta   90.000
_cell.angle_gamma   90.000
#
_symmetry.space_group_name_H-M   'P 21 21 21'
#
loop_
_entity.id
_entity.type
_entity.pdbx_description
1 polymer 'Alpha-mannosidase 2'
2 non-polymer 'ZINC ION'
3 non-polymer 1,2-ETHANEDIOL
4 non-polymer (2~{S},3~{R})-2-(hydroxymethyl)piperidin-3-ol
5 water water
#
_entity_poly.entity_id   1
_entity_poly.type   'polypeptide(L)'
_entity_poly.pdbx_seq_one_letter_code
;DDPIRPPLKVARSPRPGQCQDVVQDVPNVDVQMLELYDRMSFKDIDGGVWKQGWNIKYDPLKYNAHHKLKVFVVPHSHND
PGWIQTFEEYYQHDTKHILSNALRHLHDNPEMKFIWAEISYFARFYHDLGENKKLQMKSIVKNGQLEFVTGGWVMPDEAN
SHWRNVLLQLTEGQTWLKQFMNVTPTASWAIDPFGHSPTMPYILQKSGFKNMLIQRTHYSVKKELAQQRQLEFLWRQIWD
NKGDTALFTHMMPFYSYDIPHTCGPDPKVCCQFDFKRMGSFGLSCPWKVPPRTISDQNVAARSDLLVDQWKKKAELYRTN
VLLIPLGDDFRFKQNTEWDVQRVNYERLFEHINSQAHFNVQAQFGTLQEYFDAVHQAERAGQAEFPTLSGDFFTYADRSD
NYWSGYYTSRPYHKRMDRVLMHYVRAAEMLSAWHSWDGMARIEERLEQARRELSLFQHHDGITGTAKTHVVVDYEQRMQE
ALKACQMVMQQSVYRLLTKPSIYSPDFSFSYFTLDDSRWPGSGVEDSRTTIILGEDILPSKHVVMHNTLPHWREQLVDFY
VSSPFVSVTDLANNPVEAQVSPVWSWHHDTLTKTIHPQGSTTKYRIIFKARVPPMGLATYVLTISDSKPEHTSYASNLLL
RKNPTSLPLGQYPEDVKFGDPREISLRVGNGPTLAFSEQGLLKSIQLTQDSPHVPVHFKFLKYGVRSHGDRSGAYLFLPN
GPASPVELGQPVVLVTKGKLESSVSVGLPSVVHQTIMRGGAPEIRNLVDIGSLDNTEIVMRLETHIDSGDIFYTDLNGLQ
FIKRRRLDKLPLQANYYPIPSGMFIEDANTRLTLLTGQPLGGSSLASGELEIMQDRRLASDDERGLGQGVLDNKPVLHIY
RLVLEKVNNCVRPSELHPAGYLTSAAHKASQSLLDPLDKFIFAENEWIGAQGQFGGDHPSAREDLDVSVMRRLTKSSAKT
QRVGYVLHRTNLMQCGTPEEHTQKLDVCHLLPNVARCERTTLTFLQNLEHLDGMVAPEVCPMETAAYVSSHSS
;
_entity_poly.pdbx_strand_id   A
#
# COMPACT_ATOMS: atom_id res chain seq x y z
N CYS A 19 -17.98 20.79 -7.81
CA CYS A 19 -16.62 20.18 -7.64
C CYS A 19 -15.55 21.27 -7.67
N GLN A 20 -14.62 21.25 -6.71
CA GLN A 20 -13.39 22.08 -6.70
C GLN A 20 -12.59 21.86 -7.98
N ASP A 21 -11.94 22.90 -8.51
CA ASP A 21 -10.82 22.74 -9.46
C ASP A 21 -9.60 22.36 -8.61
N VAL A 22 -8.92 21.29 -8.98
CA VAL A 22 -7.77 20.72 -8.23
C VAL A 22 -6.49 21.00 -9.02
N VAL A 23 -6.54 21.90 -10.01
CA VAL A 23 -5.44 22.13 -10.99
C VAL A 23 -5.00 23.61 -10.97
N GLN A 24 -5.94 24.56 -11.05
CA GLN A 24 -5.63 26.00 -11.26
C GLN A 24 -5.52 26.72 -9.91
N ASP A 25 -6.21 26.25 -8.87
CA ASP A 25 -6.25 26.89 -7.52
C ASP A 25 -5.27 26.18 -6.59
N VAL A 26 -4.28 26.91 -6.06
CA VAL A 26 -3.30 26.40 -5.05
C VAL A 26 -3.90 26.64 -3.66
N PRO A 27 -4.10 25.59 -2.82
CA PRO A 27 -4.54 25.80 -1.44
C PRO A 27 -3.60 26.73 -0.65
N ASN A 28 -4.18 27.55 0.23
CA ASN A 28 -3.43 28.42 1.17
C ASN A 28 -3.43 27.69 2.51
N VAL A 29 -2.27 27.22 2.93
CA VAL A 29 -2.10 26.51 4.24
C VAL A 29 -0.94 27.17 4.99
N ASP A 30 -0.95 27.04 6.31
CA ASP A 30 0.10 27.63 7.17
C ASP A 30 1.39 26.86 6.93
N VAL A 31 1.31 25.54 6.81
CA VAL A 31 2.51 24.67 6.64
C VAL A 31 2.34 23.81 5.39
N GLN A 32 3.14 24.05 4.37
CA GLN A 32 3.18 23.22 3.14
C GLN A 32 4.54 22.52 3.15
N MET A 33 4.56 21.19 3.29
CA MET A 33 5.80 20.46 3.68
C MET A 33 6.91 20.62 2.63
N LEU A 34 6.58 20.68 1.34
CA LEU A 34 7.64 20.92 0.30
C LEU A 34 8.28 22.31 0.56
N GLU A 35 7.45 23.31 0.78
CA GLU A 35 7.85 24.71 1.10
C GLU A 35 8.70 24.69 2.39
N LEU A 36 8.25 23.98 3.43
CA LEU A 36 8.95 23.91 4.74
C LEU A 36 10.33 23.29 4.51
N TYR A 37 10.39 22.21 3.73
CA TYR A 37 11.60 21.40 3.51
C TYR A 37 12.67 22.31 2.85
N ASP A 38 12.26 23.24 2.00
CA ASP A 38 13.18 24.14 1.25
C ASP A 38 13.76 25.14 2.25
N ARG A 39 12.92 25.72 3.11
CA ARG A 39 13.29 26.69 4.19
C ARG A 39 14.16 26.07 5.27
N MET A 40 13.98 24.78 5.61
CA MET A 40 14.67 24.14 6.76
C MET A 40 16.13 23.86 6.41
N SER A 41 17.01 23.95 7.42
CA SER A 41 18.46 23.68 7.27
C SER A 41 18.75 22.24 7.69
N PHE A 42 17.89 21.63 8.51
CA PHE A 42 18.07 20.23 8.96
C PHE A 42 19.36 20.04 9.77
N LYS A 43 19.89 21.09 10.42
CA LYS A 43 21.08 20.97 11.30
C LYS A 43 20.79 20.00 12.45
N ASP A 44 21.67 19.03 12.68
CA ASP A 44 21.59 18.00 13.75
C ASP A 44 22.37 18.50 14.98
N ILE A 45 21.95 19.64 15.56
CA ILE A 45 22.63 20.25 16.75
C ILE A 45 22.15 19.54 18.01
N ASP A 46 23.06 19.36 18.96
CA ASP A 46 22.80 18.79 20.29
C ASP A 46 21.97 19.82 21.07
N GLY A 47 20.74 19.45 21.45
CA GLY A 47 19.77 20.39 22.06
C GLY A 47 19.78 20.31 23.56
N GLY A 48 20.53 19.36 24.13
CA GLY A 48 20.61 19.12 25.57
C GLY A 48 19.95 17.80 25.95
N VAL A 49 19.23 17.79 27.09
CA VAL A 49 18.48 16.58 27.58
C VAL A 49 17.52 16.11 26.46
N TRP A 50 16.86 17.05 25.78
CA TRP A 50 16.13 16.82 24.50
C TRP A 50 17.13 16.97 23.34
N LYS A 51 17.75 15.86 22.95
CA LYS A 51 18.92 15.81 22.04
C LYS A 51 18.62 16.57 20.74
N GLN A 52 17.38 16.48 20.23
CA GLN A 52 17.02 16.97 18.87
C GLN A 52 16.09 18.20 18.97
N GLY A 53 15.93 18.80 20.15
CA GLY A 53 15.16 20.06 20.29
C GLY A 53 15.99 21.15 20.96
N TRP A 54 15.48 21.71 22.05
CA TRP A 54 16.16 22.75 22.88
C TRP A 54 15.77 22.56 24.35
N ASN A 55 16.32 23.38 25.26
CA ASN A 55 15.89 23.43 26.68
C ASN A 55 14.58 24.21 26.76
N ILE A 56 13.48 23.50 26.93
CA ILE A 56 12.14 24.15 27.00
C ILE A 56 12.10 24.97 28.28
N LYS A 57 11.55 26.17 28.19
CA LYS A 57 11.30 27.06 29.33
C LYS A 57 9.83 27.45 29.27
N TYR A 58 9.17 27.46 30.42
CA TYR A 58 7.83 28.05 30.61
C TYR A 58 7.88 29.06 31.75
N ASP A 59 7.00 30.06 31.66
CA ASP A 59 6.65 30.99 32.76
C ASP A 59 5.71 30.29 33.75
N PRO A 60 6.13 29.98 35.00
CA PRO A 60 5.25 29.30 35.96
C PRO A 60 3.98 30.09 36.37
N LEU A 61 3.95 31.40 36.14
CA LEU A 61 2.77 32.29 36.38
C LEU A 61 1.74 32.10 35.27
N LYS A 62 2.06 31.31 34.24
CA LYS A 62 1.12 30.84 33.20
C LYS A 62 -0.04 30.09 33.88
N TYR A 63 0.25 29.31 34.92
CA TYR A 63 -0.73 28.42 35.60
C TYR A 63 -1.18 29.05 36.93
N ASN A 64 -2.48 28.91 37.21
CA ASN A 64 -3.17 29.41 38.43
C ASN A 64 -4.49 28.63 38.56
N ALA A 65 -5.28 28.86 39.61
CA ALA A 65 -6.44 28.02 39.98
C ALA A 65 -7.55 28.06 38.90
N HIS A 66 -7.59 29.13 38.07
CA HIS A 66 -8.57 29.33 36.97
C HIS A 66 -8.02 28.88 35.61
N HIS A 67 -6.69 28.69 35.49
CA HIS A 67 -5.98 28.18 34.27
C HIS A 67 -5.09 27.01 34.64
N LYS A 68 -5.67 25.83 34.91
CA LYS A 68 -4.90 24.64 35.35
C LYS A 68 -4.38 23.91 34.11
N LEU A 69 -3.35 23.08 34.27
CA LEU A 69 -2.94 22.12 33.23
C LEU A 69 -3.77 20.87 33.45
N LYS A 70 -4.47 20.42 32.40
CA LYS A 70 -5.29 19.18 32.40
C LYS A 70 -4.46 18.07 31.75
N VAL A 71 -4.14 17.01 32.49
CA VAL A 71 -3.21 15.96 32.03
C VAL A 71 -3.95 14.62 31.93
N PHE A 72 -4.04 14.08 30.72
CA PHE A 72 -4.53 12.71 30.43
C PHE A 72 -3.35 11.79 30.19
N VAL A 73 -3.16 10.85 31.11
CA VAL A 73 -2.19 9.73 31.04
C VAL A 73 -2.96 8.55 30.44
N VAL A 74 -2.57 8.16 29.23
CA VAL A 74 -3.29 7.15 28.40
C VAL A 74 -2.43 5.90 28.33
N PRO A 75 -2.74 4.85 29.13
CA PRO A 75 -2.04 3.57 29.02
C PRO A 75 -2.32 2.87 27.68
N HIS A 76 -1.29 2.19 27.15
CA HIS A 76 -1.30 1.55 25.81
C HIS A 76 -0.23 0.46 25.80
N SER A 77 -0.31 -0.43 24.83
CA SER A 77 0.59 -1.58 24.62
C SER A 77 0.72 -1.73 23.11
N HIS A 78 1.92 -1.51 22.57
CA HIS A 78 2.16 -1.64 21.12
C HIS A 78 2.31 -3.12 20.80
N ASN A 79 1.35 -3.68 20.07
CA ASN A 79 1.28 -5.12 19.72
C ASN A 79 1.48 -5.27 18.22
N ASP A 80 2.67 -5.72 17.79
CA ASP A 80 2.95 -5.98 16.34
C ASP A 80 2.38 -7.33 15.91
N PRO A 81 1.47 -7.37 14.89
CA PRO A 81 0.97 -8.60 14.29
C PRO A 81 2.00 -9.29 13.37
N GLY A 82 3.14 -9.60 13.95
CA GLY A 82 4.33 -10.15 13.26
C GLY A 82 5.43 -9.13 13.24
N TRP A 83 6.63 -9.55 13.65
CA TRP A 83 7.91 -8.83 13.49
C TRP A 83 9.04 -9.83 13.78
N ILE A 84 9.42 -9.99 15.06
CA ILE A 84 10.45 -10.95 15.56
C ILE A 84 9.80 -12.34 15.63
N GLN A 85 8.52 -12.38 15.98
CA GLN A 85 7.69 -13.60 16.04
C GLN A 85 6.52 -13.41 15.07
N THR A 86 5.86 -14.52 14.72
CA THR A 86 4.63 -14.53 13.88
C THR A 86 3.47 -13.98 14.72
N PHE A 87 2.38 -13.64 14.04
CA PHE A 87 1.09 -13.32 14.67
C PHE A 87 0.80 -14.31 15.82
N GLU A 88 0.76 -15.61 15.50
CA GLU A 88 0.32 -16.67 16.44
C GLU A 88 1.34 -16.80 17.58
N GLU A 89 2.64 -16.76 17.28
CA GLU A 89 3.71 -16.83 18.30
C GLU A 89 3.53 -15.68 19.31
N TYR A 90 3.47 -14.44 18.85
CA TYR A 90 3.25 -13.26 19.74
C TYR A 90 1.94 -13.42 20.52
N TYR A 91 0.86 -13.88 19.86
CA TYR A 91 -0.45 -14.05 20.52
C TYR A 91 -0.29 -14.92 21.78
N GLN A 92 0.36 -16.08 21.62
CA GLN A 92 0.47 -17.10 22.68
C GLN A 92 1.49 -16.63 23.72
N HIS A 93 2.59 -16.03 23.28
CA HIS A 93 3.73 -15.60 24.15
C HIS A 93 3.34 -14.34 24.93
N ASP A 94 2.50 -13.45 24.38
CA ASP A 94 2.43 -12.04 24.88
C ASP A 94 1.00 -11.51 24.89
N THR A 95 0.38 -11.42 23.72
CA THR A 95 -0.81 -10.54 23.54
C THR A 95 -2.01 -11.13 24.28
N LYS A 96 -2.14 -12.46 24.32
CA LYS A 96 -3.33 -13.07 25.00
C LYS A 96 -3.25 -12.74 26.49
N HIS A 97 -2.05 -12.72 27.05
CA HIS A 97 -1.80 -12.38 28.48
C HIS A 97 -2.12 -10.89 28.69
N ILE A 98 -1.74 -10.01 27.74
CA ILE A 98 -2.03 -8.56 27.86
C ILE A 98 -3.53 -8.35 27.88
N LEU A 99 -4.30 -9.00 27.03
CA LEU A 99 -5.76 -8.69 26.93
C LEU A 99 -6.53 -9.36 28.09
N SER A 100 -6.08 -10.53 28.55
CA SER A 100 -6.62 -11.22 29.78
C SER A 100 -6.46 -10.29 30.97
N ASN A 101 -5.25 -9.77 31.17
CA ASN A 101 -4.93 -8.83 32.27
C ASN A 101 -5.67 -7.51 32.07
N ALA A 102 -5.76 -6.96 30.87
CA ALA A 102 -6.58 -5.76 30.62
C ALA A 102 -8.03 -6.02 31.08
N LEU A 103 -8.62 -7.15 30.69
CA LEU A 103 -10.04 -7.43 31.05
C LEU A 103 -10.16 -7.47 32.58
N ARG A 104 -9.33 -8.26 33.24
CA ARG A 104 -9.30 -8.43 34.73
C ARG A 104 -9.08 -7.08 35.43
N HIS A 105 -7.96 -6.39 35.13
CA HIS A 105 -7.54 -5.18 35.90
CA HIS A 105 -7.54 -5.17 35.89
C HIS A 105 -8.52 -4.02 35.64
N LEU A 106 -9.00 -3.83 34.41
CA LEU A 106 -10.00 -2.75 34.13
C LEU A 106 -11.35 -3.05 34.83
N HIS A 107 -11.83 -4.28 34.76
CA HIS A 107 -13.06 -4.75 35.46
C HIS A 107 -12.93 -4.34 36.93
N ASP A 108 -11.84 -4.75 37.60
CA ASP A 108 -11.58 -4.57 39.06
C ASP A 108 -11.28 -3.11 39.42
N ASN A 109 -10.84 -2.26 38.49
CA ASN A 109 -10.33 -0.90 38.80
C ASN A 109 -11.01 0.11 37.89
N PRO A 110 -12.25 0.56 38.23
CA PRO A 110 -13.10 1.36 37.35
C PRO A 110 -12.52 2.67 36.79
N GLU A 111 -11.50 3.22 37.45
CA GLU A 111 -10.82 4.50 37.09
C GLU A 111 -9.68 4.23 36.08
N MET A 112 -9.18 2.99 36.05
CA MET A 112 -8.09 2.56 35.12
C MET A 112 -8.60 2.56 33.67
N LYS A 113 -7.79 3.07 32.74
CA LYS A 113 -8.08 3.23 31.29
C LYS A 113 -7.01 2.49 30.48
N PHE A 114 -7.30 2.23 29.19
CA PHE A 114 -6.43 1.48 28.26
C PHE A 114 -6.97 1.69 26.84
N ILE A 115 -6.05 1.88 25.89
CA ILE A 115 -6.39 1.99 24.45
C ILE A 115 -5.85 0.77 23.70
N TRP A 116 -6.58 0.34 22.66
CA TRP A 116 -6.21 -0.81 21.83
C TRP A 116 -6.38 -0.48 20.35
N ALA A 117 -5.34 -0.74 19.57
CA ALA A 117 -5.30 -0.42 18.11
C ALA A 117 -5.54 -1.67 17.25
N GLU A 118 -4.87 -2.80 17.49
CA GLU A 118 -4.78 -3.91 16.49
C GLU A 118 -5.96 -4.88 16.62
N ILE A 119 -6.97 -4.77 15.75
CA ILE A 119 -8.21 -5.57 15.90
C ILE A 119 -7.96 -7.03 15.49
N SER A 120 -6.93 -7.32 14.69
CA SER A 120 -6.54 -8.71 14.38
C SER A 120 -6.31 -9.49 15.70
N TYR A 121 -5.52 -8.96 16.62
CA TYR A 121 -5.24 -9.62 17.92
C TYR A 121 -6.50 -9.65 18.80
N PHE A 122 -7.30 -8.58 18.75
CA PHE A 122 -8.48 -8.48 19.65
C PHE A 122 -9.59 -9.45 19.23
N ALA A 123 -9.87 -9.60 17.93
CA ALA A 123 -10.78 -10.63 17.38
C ALA A 123 -10.24 -12.02 17.73
N ARG A 124 -8.96 -12.30 17.50
CA ARG A 124 -8.34 -13.60 17.86
C ARG A 124 -8.68 -13.95 19.32
N PHE A 125 -8.41 -13.02 20.24
CA PHE A 125 -8.63 -13.14 21.71
C PHE A 125 -10.13 -13.30 22.03
N TYR A 126 -10.97 -12.36 21.58
CA TYR A 126 -12.39 -12.26 21.97
C TYR A 126 -13.15 -13.55 21.65
N HIS A 127 -12.95 -14.15 20.46
CA HIS A 127 -13.72 -15.34 20.02
C HIS A 127 -13.36 -16.55 20.90
N ASP A 128 -12.23 -16.51 21.62
CA ASP A 128 -11.79 -17.60 22.54
C ASP A 128 -12.33 -17.43 23.96
N LEU A 129 -13.04 -16.35 24.29
CA LEU A 129 -13.55 -16.07 25.64
C LEU A 129 -14.85 -16.87 25.88
N GLY A 130 -15.07 -17.30 27.13
CA GLY A 130 -16.40 -17.74 27.61
C GLY A 130 -17.37 -16.59 27.51
N GLU A 131 -18.66 -16.88 27.47
CA GLU A 131 -19.74 -15.89 27.28
C GLU A 131 -19.70 -14.82 28.38
N ASN A 132 -19.29 -15.22 29.60
CA ASN A 132 -19.26 -14.35 30.81
C ASN A 132 -18.17 -13.28 30.62
N LYS A 133 -16.97 -13.71 30.29
CA LYS A 133 -15.82 -12.83 29.94
C LYS A 133 -16.18 -11.89 28.78
N LYS A 134 -16.89 -12.41 27.77
CA LYS A 134 -17.30 -11.62 26.60
C LYS A 134 -18.15 -10.45 27.09
N LEU A 135 -19.07 -10.73 28.02
CA LEU A 135 -20.01 -9.69 28.52
C LEU A 135 -19.27 -8.72 29.45
N GLN A 136 -18.28 -9.21 30.22
CA GLN A 136 -17.37 -8.38 31.05
C GLN A 136 -16.55 -7.44 30.16
N MET A 137 -16.06 -7.97 29.02
CA MET A 137 -15.28 -7.19 28.01
C MET A 137 -16.18 -6.10 27.46
N LYS A 138 -17.42 -6.46 27.10
CA LYS A 138 -18.41 -5.50 26.55
C LYS A 138 -18.70 -4.36 27.54
N SER A 139 -18.71 -4.65 28.85
N SER A 139 -18.75 -4.65 28.84
CA SER A 139 -19.04 -3.67 29.92
CA SER A 139 -19.05 -3.62 29.88
C SER A 139 -17.90 -2.63 30.04
C SER A 139 -17.89 -2.60 29.95
N ILE A 140 -16.64 -3.07 29.94
CA ILE A 140 -15.47 -2.14 30.02
C ILE A 140 -15.31 -1.34 28.72
N VAL A 141 -15.89 -1.77 27.59
CA VAL A 141 -15.90 -0.96 26.35
C VAL A 141 -17.08 0.04 26.44
N LYS A 142 -18.24 -0.41 26.91
CA LYS A 142 -19.47 0.43 26.99
C LYS A 142 -19.24 1.62 27.91
N ASN A 143 -18.58 1.42 29.05
CA ASN A 143 -18.32 2.51 30.03
C ASN A 143 -16.99 3.23 29.74
N GLY A 144 -16.35 3.03 28.57
CA GLY A 144 -15.24 3.89 28.08
C GLY A 144 -13.91 3.64 28.76
N GLN A 145 -13.77 2.57 29.53
CA GLN A 145 -12.50 2.17 30.18
C GLN A 145 -11.51 1.64 29.11
N LEU A 146 -11.90 0.65 28.31
CA LEU A 146 -11.10 0.13 27.15
C LEU A 146 -11.63 0.81 25.89
N GLU A 147 -10.79 1.59 25.21
CA GLU A 147 -11.18 2.38 24.02
C GLU A 147 -10.34 1.86 22.86
N PHE A 148 -11.02 1.56 21.75
CA PHE A 148 -10.40 1.16 20.47
C PHE A 148 -9.96 2.43 19.74
N VAL A 149 -8.71 2.42 19.30
CA VAL A 149 -8.18 3.60 18.55
C VAL A 149 -7.86 3.13 17.13
N THR A 150 -8.29 3.90 16.12
CA THR A 150 -8.32 3.49 14.70
C THR A 150 -9.25 2.27 14.50
N GLY A 151 -8.95 1.14 15.09
CA GLY A 151 -9.77 -0.07 14.96
C GLY A 151 -9.61 -0.70 13.59
N GLY A 152 -8.45 -0.50 12.96
CA GLY A 152 -8.01 -1.28 11.80
C GLY A 152 -7.56 -2.66 12.25
N TRP A 153 -7.60 -3.61 11.31
CA TRP A 153 -7.09 -4.98 11.53
C TRP A 153 -5.63 -4.91 12.00
N VAL A 154 -4.87 -3.97 11.44
CA VAL A 154 -3.46 -3.68 11.79
C VAL A 154 -3.25 -2.17 11.95
N MET A 155 -2.06 -1.75 12.36
CA MET A 155 -1.57 -0.37 12.21
C MET A 155 -0.73 -0.35 10.95
N PRO A 156 -1.29 0.03 9.79
CA PRO A 156 -0.61 -0.22 8.52
C PRO A 156 0.64 0.64 8.26
N ASP A 157 1.57 0.06 7.51
CA ASP A 157 2.60 0.82 6.74
C ASP A 157 1.88 1.92 5.93
N GLU A 158 2.49 3.09 5.83
CA GLU A 158 1.86 4.22 5.10
C GLU A 158 2.70 4.54 3.85
N ALA A 159 3.84 3.89 3.63
CA ALA A 159 4.72 4.14 2.47
C ALA A 159 4.33 3.24 1.27
N ASN A 160 4.34 1.92 1.48
CA ASN A 160 4.26 0.90 0.41
C ASN A 160 2.79 0.53 0.14
N SER A 161 1.94 0.77 1.13
CA SER A 161 0.55 0.29 1.12
C SER A 161 -0.23 0.98 0.00
N HIS A 162 -1.05 0.22 -0.70
CA HIS A 162 -2.02 0.83 -1.65
C HIS A 162 -3.21 1.34 -0.83
N TRP A 163 -3.76 2.48 -1.20
CA TRP A 163 -4.90 3.06 -0.45
C TRP A 163 -6.05 2.06 -0.37
N ARG A 164 -6.26 1.25 -1.40
CA ARG A 164 -7.35 0.23 -1.40
C ARG A 164 -7.13 -0.73 -0.24
N ASN A 165 -5.89 -1.18 -0.02
CA ASN A 165 -5.61 -2.14 1.08
C ASN A 165 -5.65 -1.44 2.45
N VAL A 166 -5.34 -0.15 2.54
CA VAL A 166 -5.48 0.61 3.80
C VAL A 166 -6.96 0.62 4.16
N LEU A 167 -7.82 0.96 3.19
CA LEU A 167 -9.28 0.95 3.42
C LEU A 167 -9.72 -0.48 3.72
N LEU A 168 -9.21 -1.48 2.99
CA LEU A 168 -9.63 -2.87 3.26
C LEU A 168 -9.39 -3.21 4.74
N GLN A 169 -8.19 -2.96 5.24
CA GLN A 169 -7.79 -3.43 6.60
C GLN A 169 -8.56 -2.59 7.63
N LEU A 170 -8.80 -1.32 7.33
CA LEU A 170 -9.64 -0.49 8.21
C LEU A 170 -11.06 -1.06 8.29
N THR A 171 -11.66 -1.33 7.13
CA THR A 171 -13.03 -1.90 7.01
C THR A 171 -13.09 -3.23 7.77
N GLU A 172 -12.08 -4.09 7.65
CA GLU A 172 -12.12 -5.40 8.29
C GLU A 172 -12.16 -5.25 9.83
N GLY A 173 -11.33 -4.34 10.38
CA GLY A 173 -11.29 -4.08 11.83
C GLY A 173 -12.55 -3.40 12.33
N GLN A 174 -13.03 -2.36 11.66
CA GLN A 174 -14.19 -1.60 12.16
C GLN A 174 -15.48 -2.41 11.99
N THR A 175 -15.58 -3.25 10.94
CA THR A 175 -16.73 -4.15 10.71
C THR A 175 -16.78 -5.15 11.87
N TRP A 176 -15.65 -5.78 12.19
CA TRP A 176 -15.56 -6.61 13.41
C TRP A 176 -15.97 -5.82 14.66
N LEU A 177 -15.49 -4.57 14.85
CA LEU A 177 -15.76 -3.81 16.08
C LEU A 177 -17.25 -3.53 16.15
N LYS A 178 -17.85 -3.03 15.07
CA LYS A 178 -19.28 -2.67 15.06
C LYS A 178 -20.13 -3.93 15.25
N GLN A 179 -19.77 -5.04 14.61
CA GLN A 179 -20.53 -6.32 14.68
C GLN A 179 -20.53 -6.85 16.12
N PHE A 180 -19.37 -6.87 16.79
CA PHE A 180 -19.17 -7.61 18.06
C PHE A 180 -19.08 -6.67 19.28
N MET A 181 -18.96 -5.35 19.11
CA MET A 181 -18.74 -4.42 20.25
C MET A 181 -19.62 -3.18 20.10
N ASN A 182 -20.35 -3.08 18.99
CA ASN A 182 -21.21 -1.92 18.63
C ASN A 182 -20.47 -0.60 18.92
N VAL A 183 -19.19 -0.49 18.50
CA VAL A 183 -18.43 0.80 18.52
C VAL A 183 -17.66 1.01 17.22
N THR A 184 -17.54 2.27 16.79
CA THR A 184 -16.75 2.71 15.62
C THR A 184 -15.82 3.83 16.09
N PRO A 185 -14.50 3.56 16.28
CA PRO A 185 -13.56 4.61 16.66
C PRO A 185 -13.58 5.82 15.72
N THR A 186 -13.41 7.04 16.26
CA THR A 186 -13.31 8.29 15.47
C THR A 186 -11.97 8.98 15.72
N ALA A 187 -11.09 8.35 16.51
CA ALA A 187 -9.71 8.83 16.77
C ALA A 187 -8.72 7.77 16.31
N SER A 188 -7.73 8.15 15.49
CA SER A 188 -6.72 7.19 14.98
C SER A 188 -5.43 7.29 15.79
N TRP A 189 -4.70 6.17 15.93
CA TRP A 189 -3.41 6.05 16.67
C TRP A 189 -2.42 5.31 15.78
N ALA A 190 -1.37 5.99 15.36
CA ALA A 190 -0.35 5.46 14.42
C ALA A 190 1.00 5.89 14.97
N ILE A 191 1.50 5.11 15.95
CA ILE A 191 2.71 5.47 16.74
C ILE A 191 3.95 4.82 16.10
N ASP A 192 3.82 3.83 15.22
CA ASP A 192 5.04 3.11 14.77
C ASP A 192 5.33 3.11 13.27
N PRO A 193 4.43 3.46 12.31
CA PRO A 193 4.79 3.43 10.89
C PRO A 193 5.97 4.37 10.59
N PHE A 194 6.79 4.04 9.60
CA PHE A 194 8.12 4.69 9.45
C PHE A 194 7.97 5.89 8.51
N GLY A 195 7.38 6.96 9.02
CA GLY A 195 6.91 8.08 8.20
C GLY A 195 5.41 7.98 7.96
N HIS A 196 4.81 9.08 7.50
CA HIS A 196 3.33 9.21 7.51
C HIS A 196 2.86 9.82 6.19
N SER A 197 1.76 9.26 5.68
CA SER A 197 1.11 9.61 4.40
C SER A 197 -0.18 10.39 4.65
N PRO A 198 -0.46 11.43 3.84
CA PRO A 198 -1.76 12.13 3.88
C PRO A 198 -2.90 11.25 3.35
N THR A 199 -2.59 10.09 2.76
CA THR A 199 -3.63 9.08 2.40
C THR A 199 -4.45 8.69 3.65
N MET A 200 -3.83 8.60 4.83
CA MET A 200 -4.49 8.20 6.09
C MET A 200 -5.60 9.19 6.47
N PRO A 201 -5.36 10.51 6.66
CA PRO A 201 -6.47 11.43 6.91
C PRO A 201 -7.53 11.44 5.80
N TYR A 202 -7.11 11.38 4.53
CA TYR A 202 -8.02 11.28 3.36
C TYR A 202 -9.04 10.16 3.63
N ILE A 203 -8.58 8.95 3.94
CA ILE A 203 -9.46 7.77 4.14
C ILE A 203 -10.19 7.89 5.48
N LEU A 204 -9.46 8.29 6.53
CA LEU A 204 -10.06 8.38 7.88
C LEU A 204 -11.22 9.38 7.86
N GLN A 205 -11.04 10.55 7.26
CA GLN A 205 -12.03 11.66 7.31
C GLN A 205 -13.28 11.28 6.49
N LYS A 206 -13.15 10.39 5.50
CA LYS A 206 -14.30 9.85 4.72
C LYS A 206 -14.81 8.55 5.36
N SER A 207 -14.28 8.19 6.53
CA SER A 207 -14.74 7.01 7.31
C SER A 207 -15.22 7.46 8.70
N GLY A 208 -15.61 8.74 8.81
CA GLY A 208 -16.24 9.30 10.03
C GLY A 208 -15.25 9.76 11.11
N PHE A 209 -13.94 9.78 10.84
CA PHE A 209 -12.94 10.09 11.90
C PHE A 209 -12.95 11.59 12.15
N LYS A 210 -12.63 12.00 13.38
CA LYS A 210 -12.53 13.43 13.80
C LYS A 210 -11.09 13.78 14.13
N ASN A 211 -10.27 12.80 14.59
CA ASN A 211 -8.88 13.07 15.03
C ASN A 211 -7.94 11.91 14.69
N MET A 212 -6.65 12.21 14.54
CA MET A 212 -5.60 11.19 14.37
C MET A 212 -4.31 11.65 15.03
N LEU A 213 -3.48 10.68 15.41
CA LEU A 213 -2.18 10.88 16.09
C LEU A 213 -1.11 10.15 15.27
N ILE A 214 0.05 10.79 15.14
CA ILE A 214 1.25 10.28 14.43
C ILE A 214 2.48 10.56 15.29
N GLN A 215 3.55 9.80 15.04
CA GLN A 215 4.77 9.80 15.89
C GLN A 215 6.02 9.89 15.01
N ARG A 216 6.20 9.00 14.02
CA ARG A 216 7.54 8.82 13.37
C ARG A 216 7.65 9.81 12.23
N THR A 217 7.99 11.05 12.56
CA THR A 217 8.35 12.10 11.59
C THR A 217 9.79 12.54 11.87
N HIS A 218 10.47 13.06 10.85
CA HIS A 218 11.88 13.51 10.88
C HIS A 218 12.12 14.35 12.15
N TYR A 219 13.18 14.06 12.90
CA TYR A 219 13.56 14.83 14.12
C TYR A 219 13.65 16.33 13.80
N SER A 220 14.13 16.75 12.61
CA SER A 220 14.19 18.20 12.25
C SER A 220 12.78 18.75 12.05
N VAL A 221 11.84 17.94 11.56
CA VAL A 221 10.43 18.41 11.38
C VAL A 221 9.78 18.63 12.75
N LYS A 222 9.94 17.68 13.68
CA LYS A 222 9.48 17.80 15.09
C LYS A 222 9.99 19.13 15.67
N LYS A 223 11.28 19.40 15.54
CA LYS A 223 11.88 20.63 16.13
C LYS A 223 11.24 21.85 15.49
N GLU A 224 11.15 21.85 14.15
CA GLU A 224 10.68 23.02 13.41
C GLU A 224 9.24 23.32 13.85
N LEU A 225 8.37 22.31 13.80
CA LEU A 225 6.93 22.51 14.15
C LEU A 225 6.80 22.81 15.65
N ALA A 226 7.56 22.13 16.49
CA ALA A 226 7.50 22.32 17.96
C ALA A 226 7.77 23.80 18.27
N GLN A 227 8.75 24.39 17.58
CA GLN A 227 9.17 25.81 17.80
C GLN A 227 7.98 26.74 17.56
N GLN A 228 7.05 26.39 16.66
CA GLN A 228 5.93 27.29 16.28
C GLN A 228 4.63 26.77 16.89
N ARG A 229 4.69 25.76 17.75
CA ARG A 229 3.48 25.05 18.26
C ARG A 229 2.58 24.71 17.05
N GLN A 230 3.16 24.05 16.05
CA GLN A 230 2.40 23.50 14.90
C GLN A 230 2.45 21.97 14.92
N LEU A 231 2.48 21.37 16.10
CA LEU A 231 2.47 19.89 16.23
C LEU A 231 1.02 19.37 16.19
N GLU A 232 0.04 20.25 16.46
CA GLU A 232 -1.39 19.97 16.18
C GLU A 232 -1.85 20.82 15.01
N PHE A 233 -2.45 20.19 14.00
CA PHE A 233 -2.72 20.89 12.72
C PHE A 233 -3.89 20.21 12.02
N LEU A 234 -4.56 21.00 11.20
CA LEU A 234 -5.69 20.55 10.38
C LEU A 234 -5.09 20.09 9.06
N TRP A 235 -4.85 18.77 8.96
CA TRP A 235 -4.18 18.11 7.82
C TRP A 235 -5.20 17.99 6.67
N ARG A 236 -4.97 18.72 5.59
CA ARG A 236 -5.80 18.61 4.37
C ARG A 236 -4.96 18.04 3.23
N GLN A 237 -5.65 17.58 2.19
CA GLN A 237 -4.99 17.10 0.96
C GLN A 237 -4.33 18.28 0.24
N ILE A 238 -3.20 18.01 -0.42
CA ILE A 238 -2.35 19.00 -1.16
C ILE A 238 -3.12 19.75 -2.26
N TRP A 239 -4.28 19.26 -2.75
CA TRP A 239 -5.10 19.87 -3.82
C TRP A 239 -6.34 20.58 -3.25
N ASP A 240 -6.60 20.44 -1.95
CA ASP A 240 -7.92 20.78 -1.34
C ASP A 240 -7.98 22.27 -0.94
N ASN A 241 -8.52 23.12 -1.83
CA ASN A 241 -8.59 24.61 -1.69
C ASN A 241 -9.53 25.01 -0.56
N LYS A 242 -10.64 24.29 -0.45
CA LYS A 242 -11.82 24.49 0.46
C LYS A 242 -11.52 24.04 1.90
N GLY A 243 -10.81 22.93 2.10
CA GLY A 243 -10.52 22.38 3.44
C GLY A 243 -11.50 21.31 3.89
N ASP A 244 -12.36 20.82 3.00
CA ASP A 244 -13.35 19.72 3.29
C ASP A 244 -12.67 18.39 3.70
N THR A 245 -11.43 18.15 3.27
CA THR A 245 -10.69 16.88 3.57
C THR A 245 -10.01 16.96 4.95
N ALA A 246 -9.96 18.15 5.58
CA ALA A 246 -9.15 18.48 6.78
C ALA A 246 -9.41 17.48 7.91
N LEU A 247 -8.36 16.93 8.52
CA LEU A 247 -8.50 16.14 9.77
C LEU A 247 -7.53 16.67 10.83
N PHE A 248 -8.03 16.82 12.04
CA PHE A 248 -7.22 17.28 13.19
C PHE A 248 -6.18 16.21 13.47
N THR A 249 -4.91 16.60 13.45
CA THR A 249 -3.75 15.69 13.63
C THR A 249 -2.93 16.20 14.83
N HIS A 250 -2.56 15.28 15.71
CA HIS A 250 -1.60 15.48 16.80
C HIS A 250 -0.35 14.70 16.41
N MET A 251 0.75 15.41 16.17
CA MET A 251 2.12 14.84 16.05
C MET A 251 2.77 14.88 17.45
N MET A 252 3.20 13.72 17.94
N MET A 252 3.20 13.73 17.95
CA MET A 252 3.98 13.62 19.20
CA MET A 252 3.97 13.65 19.21
C MET A 252 5.36 14.23 18.95
C MET A 252 5.36 14.23 18.95
N PRO A 253 5.96 14.90 19.96
CA PRO A 253 7.12 15.77 19.73
C PRO A 253 8.51 15.13 19.80
N PHE A 254 8.61 13.91 20.35
CA PHE A 254 9.90 13.34 20.80
C PHE A 254 10.25 12.08 20.00
N TYR A 255 11.38 11.45 20.38
CA TYR A 255 12.14 10.45 19.58
C TYR A 255 11.37 9.14 19.51
N SER A 256 10.56 8.84 20.54
CA SER A 256 9.90 7.52 20.70
C SER A 256 8.50 7.65 21.33
N TYR A 257 7.71 6.59 21.25
CA TYR A 257 6.38 6.49 21.93
C TYR A 257 6.56 5.84 23.31
N ASP A 258 7.77 5.37 23.65
CA ASP A 258 8.06 4.73 24.97
C ASP A 258 7.95 5.77 26.11
N ILE A 259 7.92 5.30 27.34
CA ILE A 259 7.65 6.17 28.52
C ILE A 259 8.77 7.20 28.70
N PRO A 260 10.07 6.84 28.51
CA PRO A 260 11.15 7.84 28.56
C PRO A 260 10.94 9.02 27.62
N HIS A 261 10.22 8.83 26.50
CA HIS A 261 10.10 9.88 25.47
C HIS A 261 8.66 10.40 25.38
N THR A 262 7.80 10.10 26.36
CA THR A 262 6.39 10.59 26.33
C THR A 262 6.01 11.46 27.54
N CYS A 263 6.76 11.49 28.65
CA CYS A 263 6.39 12.29 29.85
C CYS A 263 6.79 13.77 29.64
N GLY A 264 7.79 14.02 28.82
CA GLY A 264 8.39 15.35 28.67
C GLY A 264 9.77 15.26 28.02
N PRO A 265 10.50 16.40 27.92
CA PRO A 265 11.71 16.48 27.09
C PRO A 265 12.96 15.74 27.57
N ASP A 266 12.99 15.29 28.82
CA ASP A 266 14.21 14.71 29.43
C ASP A 266 13.98 13.25 29.76
N PRO A 267 14.45 12.35 28.89
CA PRO A 267 14.20 10.92 29.07
C PRO A 267 14.76 10.39 30.39
N LYS A 268 15.80 11.04 30.93
CA LYS A 268 16.47 10.65 32.19
C LYS A 268 15.46 10.75 33.35
N VAL A 269 14.66 11.80 33.34
CA VAL A 269 13.55 12.02 34.31
C VAL A 269 12.37 11.09 33.98
N CYS A 270 11.88 11.07 32.73
CA CYS A 270 10.66 10.31 32.31
C CYS A 270 10.85 8.82 32.57
N CYS A 271 12.04 8.32 32.28
CA CYS A 271 12.36 6.90 32.54
C CYS A 271 12.08 6.53 34.02
N GLN A 272 12.17 7.48 34.96
CA GLN A 272 11.95 7.21 36.41
C GLN A 272 10.45 7.02 36.70
N PHE A 273 9.57 7.30 35.73
CA PHE A 273 8.09 7.21 35.88
C PHE A 273 7.56 6.08 34.97
N ASP A 274 8.45 5.14 34.61
CA ASP A 274 8.13 3.83 34.00
C ASP A 274 8.40 2.77 35.06
N PHE A 275 7.36 2.40 35.81
CA PHE A 275 7.46 1.65 37.08
C PHE A 275 7.75 0.17 36.80
N LYS A 276 7.65 -0.27 35.54
CA LYS A 276 8.07 -1.64 35.19
C LYS A 276 9.60 -1.73 35.19
N ARG A 277 10.32 -0.61 35.19
CA ARG A 277 11.80 -0.61 35.08
C ARG A 277 12.47 -0.77 36.48
N MET A 278 11.81 -1.43 37.45
CA MET A 278 12.35 -1.64 38.83
C MET A 278 12.60 -3.13 39.03
N GLY A 279 13.86 -3.56 39.00
CA GLY A 279 14.25 -4.99 39.10
C GLY A 279 13.72 -5.78 37.91
N GLY A 282 12.82 -7.17 34.42
CA GLY A 282 14.29 -7.18 34.32
C GLY A 282 14.81 -6.08 33.41
N LEU A 283 14.19 -4.90 33.49
CA LEU A 283 14.47 -3.72 32.62
C LEU A 283 14.99 -2.58 33.49
N SER A 284 15.85 -1.73 32.92
CA SER A 284 16.50 -0.62 33.63
C SER A 284 16.46 0.64 32.76
N CYS A 285 16.86 1.76 33.33
CA CYS A 285 16.95 3.05 32.63
C CYS A 285 18.37 3.23 32.09
N PRO A 286 18.55 3.32 30.76
CA PRO A 286 19.85 3.64 30.16
C PRO A 286 20.55 4.90 30.69
N TRP A 287 19.81 5.83 31.30
CA TRP A 287 20.33 7.10 31.90
C TRP A 287 20.71 6.85 33.37
N LYS A 288 20.50 5.63 33.88
CA LYS A 288 21.10 5.03 35.12
C LYS A 288 20.43 5.52 36.42
N VAL A 289 19.37 6.34 36.35
CA VAL A 289 18.52 6.70 37.52
C VAL A 289 17.23 5.88 37.46
N PRO A 290 17.04 4.92 38.39
CA PRO A 290 15.89 4.02 38.31
C PRO A 290 14.61 4.69 38.77
N PRO A 291 13.44 4.10 38.43
CA PRO A 291 12.17 4.52 39.01
C PRO A 291 12.25 4.18 40.51
N ARG A 292 11.51 4.90 41.35
CA ARG A 292 11.40 4.58 42.79
C ARG A 292 9.92 4.53 43.12
N THR A 293 9.52 3.57 43.96
CA THR A 293 8.13 3.44 44.44
C THR A 293 7.73 4.81 44.96
N ILE A 294 6.50 5.26 44.70
CA ILE A 294 5.97 6.55 45.24
C ILE A 294 5.50 6.29 46.68
N SER A 295 6.04 7.04 47.64
CA SER A 295 5.74 6.97 49.09
C SER A 295 5.36 8.36 49.61
N ASP A 296 4.79 8.41 50.81
CA ASP A 296 4.46 9.70 51.48
C ASP A 296 5.76 10.50 51.64
N GLN A 297 6.89 9.81 51.79
CA GLN A 297 8.23 10.43 52.01
C GLN A 297 8.76 11.11 50.73
N ASN A 298 8.33 10.73 49.52
CA ASN A 298 9.02 11.23 48.29
C ASN A 298 8.01 11.77 47.26
N VAL A 299 6.70 11.66 47.50
CA VAL A 299 5.67 11.99 46.47
C VAL A 299 5.76 13.48 46.12
N ALA A 300 6.12 14.32 47.09
CA ALA A 300 6.25 15.79 46.93
C ALA A 300 7.35 16.11 45.91
N ALA A 301 8.49 15.45 46.04
CA ALA A 301 9.68 15.63 45.15
C ALA A 301 9.40 15.00 43.78
N ARG A 302 8.91 13.76 43.76
CA ARG A 302 8.59 13.02 42.50
C ARG A 302 7.55 13.84 41.72
N SER A 303 6.50 14.32 42.37
CA SER A 303 5.42 15.08 41.67
C SER A 303 5.99 16.35 41.04
N ASP A 304 6.83 17.08 41.78
CA ASP A 304 7.51 18.30 41.30
C ASP A 304 8.31 17.99 40.02
N LEU A 305 9.11 16.93 40.05
CA LEU A 305 9.99 16.43 38.96
C LEU A 305 9.15 16.11 37.70
N LEU A 306 8.02 15.43 37.88
CA LEU A 306 7.12 14.96 36.79
C LEU A 306 6.31 16.12 36.24
N VAL A 307 5.70 16.90 37.12
CA VAL A 307 4.85 18.05 36.68
C VAL A 307 5.72 19.05 35.92
N ASP A 308 6.95 19.27 36.37
CA ASP A 308 7.91 20.11 35.59
C ASP A 308 8.12 19.52 34.16
N GLN A 309 8.27 18.20 34.02
CA GLN A 309 8.34 17.54 32.67
C GLN A 309 7.06 17.81 31.85
N TRP A 310 5.87 17.56 32.44
CA TRP A 310 4.55 17.81 31.80
C TRP A 310 4.45 19.25 31.33
N LYS A 311 4.81 20.19 32.19
CA LYS A 311 4.63 21.64 31.88
C LYS A 311 5.61 22.04 30.77
N LYS A 312 6.77 21.40 30.68
CA LYS A 312 7.64 21.64 29.50
C LYS A 312 6.99 21.06 28.25
N LYS A 313 6.42 19.85 28.29
CA LYS A 313 5.75 19.26 27.10
C LYS A 313 4.62 20.18 26.64
N ALA A 314 3.89 20.76 27.60
CA ALA A 314 2.69 21.60 27.32
C ALA A 314 3.09 22.88 26.57
N GLU A 315 4.33 23.36 26.71
CA GLU A 315 4.80 24.59 26.02
C GLU A 315 4.77 24.37 24.50
N LEU A 316 4.92 23.11 24.06
CA LEU A 316 4.95 22.75 22.62
C LEU A 316 3.55 22.74 21.98
N TYR A 317 2.46 22.87 22.76
CA TYR A 317 1.06 22.71 22.30
C TYR A 317 0.28 23.98 22.67
N ARG A 318 -0.88 24.21 22.06
CA ARG A 318 -1.57 25.53 22.15
C ARG A 318 -2.69 25.53 23.20
N THR A 319 -3.05 24.39 23.78
CA THR A 319 -4.14 24.35 24.79
C THR A 319 -3.51 23.97 26.12
N ASN A 320 -4.32 23.97 27.18
CA ASN A 320 -3.92 23.57 28.55
C ASN A 320 -4.29 22.10 28.76
N VAL A 321 -4.51 21.33 27.68
CA VAL A 321 -4.82 19.87 27.72
C VAL A 321 -3.60 19.11 27.18
N LEU A 322 -3.07 18.19 27.95
CA LEU A 322 -1.80 17.51 27.63
C LEU A 322 -2.09 16.02 27.51
N LEU A 323 -1.64 15.45 26.41
CA LEU A 323 -1.59 14.00 26.17
C LEU A 323 -0.24 13.44 26.66
N ILE A 324 -0.34 12.51 27.60
CA ILE A 324 0.78 11.71 28.14
C ILE A 324 0.50 10.23 27.92
N PRO A 325 0.93 9.68 26.77
CA PRO A 325 0.89 8.24 26.55
C PRO A 325 1.71 7.54 27.64
N LEU A 326 1.30 6.34 28.05
CA LEU A 326 1.98 5.50 29.06
C LEU A 326 2.00 4.05 28.58
N GLY A 327 3.04 3.69 27.85
CA GLY A 327 3.17 2.34 27.30
C GLY A 327 4.42 2.14 26.47
N ASP A 328 4.51 0.95 25.90
CA ASP A 328 5.67 0.50 25.11
C ASP A 328 5.26 -0.82 24.45
N ASP A 329 6.21 -1.47 23.79
CA ASP A 329 6.02 -2.75 23.08
C ASP A 329 5.60 -3.85 24.06
N PHE A 330 4.43 -4.45 23.78
CA PHE A 330 3.89 -5.64 24.49
C PHE A 330 3.92 -5.41 26.00
N ARG A 331 3.55 -4.20 26.42
CA ARG A 331 3.43 -3.83 27.85
C ARG A 331 2.07 -4.28 28.38
N PHE A 332 1.96 -4.31 29.71
CA PHE A 332 0.72 -4.67 30.44
C PHE A 332 0.44 -6.14 30.22
N LYS A 333 1.52 -6.93 30.15
CA LYS A 333 1.49 -8.40 30.05
C LYS A 333 1.26 -9.02 31.44
N GLN A 334 2.04 -8.62 32.45
CA GLN A 334 1.97 -9.23 33.80
C GLN A 334 0.99 -8.43 34.65
N ASN A 335 0.20 -9.11 35.49
CA ASN A 335 -0.77 -8.48 36.43
C ASN A 335 -0.05 -7.42 37.29
N THR A 336 1.20 -7.67 37.69
CA THR A 336 1.97 -6.83 38.64
C THR A 336 2.52 -5.58 37.92
N GLU A 337 2.58 -5.59 36.59
CA GLU A 337 2.89 -4.35 35.83
C GLU A 337 1.66 -3.44 35.87
N TRP A 338 0.47 -4.01 35.70
CA TRP A 338 -0.81 -3.28 35.92
C TRP A 338 -0.81 -2.62 37.31
N ASP A 339 -0.47 -3.37 38.37
CA ASP A 339 -0.43 -2.90 39.78
C ASP A 339 0.57 -1.74 39.89
N VAL A 340 1.82 -2.01 39.53
CA VAL A 340 2.95 -1.09 39.81
C VAL A 340 2.74 0.21 39.02
N GLN A 341 2.22 0.15 37.80
CA GLN A 341 1.97 1.38 36.99
C GLN A 341 0.75 2.09 37.57
N ARG A 342 -0.35 1.38 37.83
CA ARG A 342 -1.62 2.02 38.28
C ARG A 342 -1.45 2.71 39.64
N VAL A 343 -0.83 2.02 40.60
CA VAL A 343 -0.80 2.43 42.04
C VAL A 343 0.16 3.62 42.20
N ASN A 344 1.39 3.51 41.70
CA ASN A 344 2.34 4.66 41.68
C ASN A 344 1.69 5.87 41.00
N TYR A 345 1.04 5.72 39.83
CA TYR A 345 0.50 6.91 39.12
C TYR A 345 -0.65 7.49 39.96
N GLU A 346 -1.43 6.63 40.63
CA GLU A 346 -2.60 7.11 41.43
C GLU A 346 -2.10 7.93 42.63
N ARG A 347 -1.03 7.49 43.28
CA ARG A 347 -0.38 8.23 44.40
C ARG A 347 0.07 9.60 43.89
N LEU A 348 0.60 9.66 42.67
CA LEU A 348 1.07 10.93 42.09
C LEU A 348 -0.13 11.82 41.83
N PHE A 349 -1.17 11.27 41.20
CA PHE A 349 -2.39 12.04 40.82
C PHE A 349 -3.05 12.58 42.11
N GLU A 350 -3.11 11.75 43.14
CA GLU A 350 -3.76 12.10 44.42
C GLU A 350 -3.01 13.29 45.03
N HIS A 351 -1.69 13.22 45.05
CA HIS A 351 -0.84 14.29 45.64
C HIS A 351 -0.99 15.57 44.82
N ILE A 352 -0.85 15.45 43.49
CA ILE A 352 -0.78 16.60 42.54
C ILE A 352 -2.14 17.32 42.57
N ASN A 353 -3.24 16.56 42.51
CA ASN A 353 -4.61 17.14 42.39
C ASN A 353 -4.98 17.85 43.71
N SER A 354 -4.53 17.35 44.85
CA SER A 354 -4.80 17.90 46.21
C SER A 354 -3.93 19.12 46.54
N GLN A 355 -2.85 19.38 45.78
CA GLN A 355 -1.84 20.43 46.07
C GLN A 355 -2.02 21.59 45.08
N ALA A 356 -2.67 22.67 45.51
CA ALA A 356 -3.07 23.80 44.66
C ALA A 356 -1.87 24.45 43.96
N HIS A 357 -0.67 24.43 44.55
CA HIS A 357 0.54 25.11 44.02
C HIS A 357 0.92 24.56 42.62
N PHE A 358 0.64 23.29 42.32
CA PHE A 358 0.85 22.67 40.98
C PHE A 358 -0.09 23.30 39.94
N ASN A 359 -1.35 23.53 40.30
CA ASN A 359 -2.42 23.94 39.36
C ASN A 359 -2.45 22.95 38.18
N VAL A 360 -2.45 21.66 38.53
CA VAL A 360 -2.68 20.52 37.61
C VAL A 360 -3.90 19.72 38.10
N GLN A 361 -4.75 19.30 37.16
CA GLN A 361 -5.67 18.13 37.29
C GLN A 361 -5.11 16.99 36.41
N ALA A 362 -4.57 15.93 37.01
CA ALA A 362 -4.04 14.74 36.31
C ALA A 362 -4.95 13.54 36.58
N GLN A 363 -5.11 12.68 35.57
CA GLN A 363 -5.90 11.43 35.65
C GLN A 363 -5.59 10.53 34.44
N PHE A 364 -5.74 9.23 34.64
CA PHE A 364 -5.88 8.23 33.56
C PHE A 364 -7.01 8.69 32.63
N GLY A 365 -6.79 8.57 31.31
CA GLY A 365 -7.70 9.00 30.25
C GLY A 365 -7.54 8.12 29.00
N THR A 366 -8.40 8.34 28.02
CA THR A 366 -8.29 7.71 26.69
C THR A 366 -7.95 8.79 25.66
N LEU A 367 -7.63 8.36 24.45
CA LEU A 367 -7.29 9.26 23.33
C LEU A 367 -8.48 10.17 22.99
N GLN A 368 -9.66 9.60 22.82
CA GLN A 368 -10.90 10.39 22.56
C GLN A 368 -11.07 11.47 23.64
N GLU A 369 -10.94 11.10 24.91
CA GLU A 369 -11.01 12.05 26.04
C GLU A 369 -10.05 13.22 25.81
N TYR A 370 -8.80 12.94 25.43
CA TYR A 370 -7.81 14.02 25.12
C TYR A 370 -8.40 14.93 24.04
N PHE A 371 -8.74 14.36 22.87
CA PHE A 371 -9.17 15.14 21.69
C PHE A 371 -10.45 15.94 22.06
N ASP A 372 -11.42 15.32 22.75
CA ASP A 372 -12.67 16.02 23.19
C ASP A 372 -12.31 17.28 23.97
N ALA A 373 -11.45 17.15 24.99
CA ALA A 373 -10.97 18.28 25.84
C ALA A 373 -10.32 19.36 24.96
N VAL A 374 -9.45 18.96 24.02
CA VAL A 374 -8.71 19.92 23.15
C VAL A 374 -9.75 20.70 22.33
N HIS A 375 -10.77 20.04 21.78
CA HIS A 375 -11.78 20.73 20.93
C HIS A 375 -12.68 21.59 21.82
N GLN A 376 -12.93 21.21 23.09
CA GLN A 376 -13.65 22.11 24.04
C GLN A 376 -12.83 23.38 24.21
N ALA A 377 -11.53 23.25 24.47
CA ALA A 377 -10.60 24.41 24.56
C ALA A 377 -10.69 25.26 23.28
N GLU A 378 -10.79 24.66 22.09
CA GLU A 378 -10.81 25.37 20.78
C GLU A 378 -12.10 26.22 20.66
N ARG A 379 -13.25 25.61 20.92
CA ARG A 379 -14.61 26.25 20.89
C ARG A 379 -14.66 27.45 21.84
N ALA A 380 -13.96 27.37 22.98
CA ALA A 380 -13.91 28.44 24.00
C ALA A 380 -12.92 29.54 23.61
N GLY A 381 -12.47 29.61 22.35
CA GLY A 381 -11.55 30.64 21.84
C GLY A 381 -10.16 30.58 22.46
N GLN A 382 -9.84 29.50 23.17
CA GLN A 382 -8.54 29.32 23.89
C GLN A 382 -7.40 28.98 22.90
N ALA A 383 -7.71 28.55 21.67
CA ALA A 383 -6.71 28.21 20.63
C ALA A 383 -7.35 28.15 19.24
N GLU A 384 -6.54 28.50 18.24
CA GLU A 384 -6.85 28.40 16.79
C GLU A 384 -5.69 27.65 16.12
N PHE A 385 -5.96 26.51 15.47
CA PHE A 385 -4.90 25.57 15.01
C PHE A 385 -4.49 25.91 13.58
N PRO A 386 -3.21 25.69 13.24
CA PRO A 386 -2.73 25.94 11.88
C PRO A 386 -3.24 24.83 10.93
N THR A 387 -3.28 25.13 9.63
CA THR A 387 -3.59 24.19 8.53
C THR A 387 -2.28 23.64 7.95
N LEU A 388 -2.29 22.37 7.55
CA LEU A 388 -1.10 21.71 6.91
C LEU A 388 -1.52 20.83 5.73
N SER A 389 -0.67 20.80 4.71
CA SER A 389 -0.71 19.83 3.58
C SER A 389 0.72 19.31 3.36
N GLY A 390 0.84 18.11 2.81
CA GLY A 390 2.12 17.45 2.48
C GLY A 390 2.22 16.09 3.13
N ASP A 391 3.37 15.47 3.08
CA ASP A 391 3.58 14.14 3.69
C ASP A 391 4.75 14.26 4.67
N PHE A 392 5.13 13.15 5.27
CA PHE A 392 6.19 13.11 6.29
C PHE A 392 7.15 11.98 5.90
N PHE A 393 7.59 11.99 4.65
CA PHE A 393 8.59 11.06 4.09
C PHE A 393 9.72 11.95 3.55
N THR A 394 10.98 11.52 3.62
CA THR A 394 11.41 10.28 4.19
C THR A 394 11.82 10.54 5.65
N TYR A 395 11.39 9.65 6.53
CA TYR A 395 11.65 9.69 8.00
C TYR A 395 13.12 9.45 8.31
N ALA A 396 13.71 10.26 9.20
CA ALA A 396 15.00 9.97 9.89
C ALA A 396 14.76 10.05 11.40
N ASP A 397 15.17 9.03 12.17
CA ASP A 397 15.05 9.07 13.65
C ASP A 397 16.27 9.78 14.28
N ARG A 398 17.40 9.88 13.57
CA ARG A 398 18.63 10.56 14.05
C ARG A 398 19.66 10.71 12.92
N SER A 399 20.59 11.65 13.11
CA SER A 399 21.65 12.06 12.15
C SER A 399 21.20 11.90 10.69
N ASP A 400 21.76 10.90 9.99
CA ASP A 400 21.57 10.68 8.53
C ASP A 400 20.93 9.30 8.32
N ASN A 401 20.26 8.78 9.35
CA ASN A 401 19.67 7.42 9.34
C ASN A 401 18.26 7.59 8.76
N TYR A 402 18.15 7.71 7.43
CA TYR A 402 16.88 7.81 6.66
C TYR A 402 16.34 6.41 6.39
N TRP A 403 15.04 6.18 6.66
CA TRP A 403 14.38 4.85 6.53
C TRP A 403 13.85 4.71 5.10
N SER A 404 14.70 4.85 4.08
CA SER A 404 14.28 4.61 2.68
C SER A 404 14.55 3.17 2.25
N GLY A 405 15.21 2.36 3.08
CA GLY A 405 15.51 0.95 2.75
C GLY A 405 14.24 0.11 2.58
N TYR A 406 13.25 0.32 3.45
CA TYR A 406 12.06 -0.55 3.57
C TYR A 406 11.11 -0.26 2.41
N TYR A 407 11.37 0.81 1.65
CA TYR A 407 10.62 1.07 0.39
C TYR A 407 10.92 -0.06 -0.60
N THR A 408 11.94 -0.90 -0.34
CA THR A 408 12.40 -1.94 -1.30
C THR A 408 12.58 -3.30 -0.61
N SER A 409 12.87 -3.35 0.70
CA SER A 409 13.16 -4.61 1.44
C SER A 409 12.08 -5.66 1.15
N ARG A 410 12.52 -6.89 0.85
CA ARG A 410 11.71 -8.11 0.50
C ARG A 410 10.75 -7.79 -0.65
N PRO A 411 11.30 -7.44 -1.84
CA PRO A 411 10.50 -6.98 -2.96
C PRO A 411 9.58 -8.08 -3.52
N TYR A 412 9.91 -9.35 -3.27
CA TYR A 412 9.05 -10.49 -3.71
C TYR A 412 7.65 -10.31 -3.12
N HIS A 413 7.57 -10.05 -1.81
CA HIS A 413 6.28 -9.97 -1.06
C HIS A 413 5.61 -8.64 -1.35
N LYS A 414 6.38 -7.60 -1.67
CA LYS A 414 5.84 -6.28 -2.12
C LYS A 414 5.05 -6.48 -3.42
N ARG A 415 5.60 -7.23 -4.37
CA ARG A 415 4.91 -7.62 -5.64
C ARG A 415 3.67 -8.46 -5.30
N MET A 416 3.83 -9.42 -4.39
CA MET A 416 2.73 -10.36 -4.03
C MET A 416 1.53 -9.58 -3.46
N ASP A 417 1.78 -8.54 -2.67
CA ASP A 417 0.74 -7.62 -2.16
C ASP A 417 -0.15 -7.13 -3.31
N ARG A 418 0.44 -6.61 -4.39
CA ARG A 418 -0.35 -6.00 -5.49
C ARG A 418 -1.17 -7.08 -6.21
N VAL A 419 -0.61 -8.29 -6.36
CA VAL A 419 -1.30 -9.45 -7.02
C VAL A 419 -2.51 -9.83 -6.15
N LEU A 420 -2.32 -10.01 -4.84
CA LEU A 420 -3.42 -10.43 -3.94
C LEU A 420 -4.45 -9.29 -3.88
N MET A 421 -4.01 -8.03 -3.89
CA MET A 421 -4.94 -6.87 -3.94
C MET A 421 -5.97 -7.06 -5.06
N HIS A 422 -5.49 -7.29 -6.27
CA HIS A 422 -6.30 -7.49 -7.50
C HIS A 422 -7.22 -8.72 -7.36
N TYR A 423 -6.69 -9.86 -6.92
CA TYR A 423 -7.48 -11.12 -6.81
C TYR A 423 -8.60 -10.96 -5.76
N VAL A 424 -8.38 -10.20 -4.68
CA VAL A 424 -9.45 -10.01 -3.67
C VAL A 424 -10.51 -9.11 -4.32
N ARG A 425 -10.11 -8.06 -5.02
CA ARG A 425 -11.09 -7.19 -5.72
C ARG A 425 -11.91 -8.02 -6.73
N ALA A 426 -11.25 -8.82 -7.56
CA ALA A 426 -11.91 -9.63 -8.62
C ALA A 426 -12.86 -10.66 -7.99
N ALA A 427 -12.38 -11.35 -6.95
CA ALA A 427 -13.13 -12.40 -6.23
C ALA A 427 -14.39 -11.80 -5.59
N GLU A 428 -14.25 -10.64 -4.93
CA GLU A 428 -15.40 -9.96 -4.28
C GLU A 428 -16.35 -9.45 -5.37
N MET A 429 -15.84 -8.88 -6.46
CA MET A 429 -16.71 -8.32 -7.53
C MET A 429 -17.47 -9.46 -8.22
N LEU A 430 -16.79 -10.52 -8.63
CA LEU A 430 -17.41 -11.60 -9.45
C LEU A 430 -18.50 -12.30 -8.64
N SER A 431 -18.26 -12.50 -7.34
CA SER A 431 -19.14 -13.28 -6.43
C SER A 431 -20.26 -12.38 -5.91
N ALA A 432 -20.16 -11.06 -6.08
CA ALA A 432 -21.15 -10.05 -5.57
C ALA A 432 -22.45 -10.11 -6.35
N TRP A 433 -22.36 -10.46 -7.64
CA TRP A 433 -23.51 -10.43 -8.59
C TRP A 433 -24.64 -11.33 -8.07
N HIS A 434 -24.35 -12.40 -7.32
CA HIS A 434 -25.35 -13.38 -6.81
C HIS A 434 -25.27 -13.60 -5.30
N SER A 435 -26.37 -14.02 -4.64
CA SER A 435 -26.37 -14.63 -3.29
C SER A 435 -25.85 -16.05 -3.43
N TRP A 436 -25.05 -16.55 -2.49
CA TRP A 436 -24.51 -17.92 -2.55
C TRP A 436 -25.05 -18.73 -1.36
N ASP A 437 -25.38 -19.98 -1.62
CA ASP A 437 -25.72 -20.95 -0.56
C ASP A 437 -24.47 -21.14 0.29
N GLY A 438 -24.64 -21.14 1.62
CA GLY A 438 -23.57 -21.30 2.62
C GLY A 438 -22.72 -22.54 2.38
N MET A 439 -23.28 -23.59 1.76
CA MET A 439 -22.51 -24.79 1.32
C MET A 439 -21.40 -24.39 0.34
N ALA A 440 -21.54 -23.28 -0.40
CA ALA A 440 -20.51 -22.81 -1.37
C ALA A 440 -19.28 -22.28 -0.62
N ARG A 441 -19.47 -21.74 0.59
CA ARG A 441 -18.39 -21.23 1.49
C ARG A 441 -17.64 -20.08 0.78
N ILE A 442 -18.39 -19.22 0.08
CA ILE A 442 -17.91 -17.97 -0.58
C ILE A 442 -17.45 -17.00 0.53
N GLU A 443 -18.35 -16.66 1.48
CA GLU A 443 -18.09 -15.75 2.63
C GLU A 443 -16.83 -16.18 3.42
N GLU A 444 -16.71 -17.47 3.75
N GLU A 444 -16.67 -17.46 3.74
CA GLU A 444 -15.57 -18.11 4.45
CA GLU A 444 -15.52 -17.97 4.52
C GLU A 444 -14.26 -17.76 3.73
C GLU A 444 -14.21 -17.75 3.74
N ARG A 445 -14.23 -18.01 2.44
CA ARG A 445 -13.09 -17.83 1.51
C ARG A 445 -12.69 -16.35 1.47
N LEU A 446 -13.66 -15.48 1.22
CA LEU A 446 -13.40 -14.03 1.06
C LEU A 446 -12.93 -13.46 2.41
N GLU A 447 -13.43 -13.96 3.54
CA GLU A 447 -13.02 -13.46 4.86
C GLU A 447 -11.56 -13.84 5.09
N GLN A 448 -11.17 -15.09 4.84
CA GLN A 448 -9.75 -15.50 4.89
C GLN A 448 -8.94 -14.55 3.98
N ALA A 449 -9.34 -14.37 2.73
CA ALA A 449 -8.52 -13.61 1.75
C ALA A 449 -8.35 -12.18 2.26
N ARG A 450 -9.44 -11.46 2.55
CA ARG A 450 -9.38 -10.08 3.13
C ARG A 450 -8.47 -10.02 4.36
N ARG A 451 -8.49 -10.99 5.26
CA ARG A 451 -7.74 -10.91 6.53
C ARG A 451 -6.25 -11.15 6.31
N GLU A 452 -5.88 -12.10 5.45
CA GLU A 452 -4.44 -12.35 5.17
C GLU A 452 -3.90 -11.09 4.49
N LEU A 453 -4.61 -10.53 3.51
CA LEU A 453 -4.15 -9.29 2.82
C LEU A 453 -4.10 -8.14 3.83
N SER A 454 -5.11 -8.01 4.70
CA SER A 454 -5.17 -6.97 5.76
C SER A 454 -3.97 -7.08 6.70
N LEU A 455 -3.70 -8.27 7.21
CA LEU A 455 -2.53 -8.55 8.08
C LEU A 455 -1.21 -8.10 7.41
N PHE A 456 -1.01 -8.41 6.12
CA PHE A 456 0.23 -8.01 5.38
C PHE A 456 0.39 -6.48 5.29
N GLN A 457 -0.66 -5.69 5.51
CA GLN A 457 -0.53 -4.22 5.49
C GLN A 457 0.22 -3.72 6.71
N HIS A 458 0.36 -4.56 7.76
CA HIS A 458 1.16 -4.25 8.98
C HIS A 458 2.51 -3.60 8.60
N HIS A 459 2.99 -2.69 9.44
CA HIS A 459 4.26 -1.94 9.26
C HIS A 459 5.48 -2.84 9.51
N ASP A 460 5.32 -4.14 9.73
CA ASP A 460 6.44 -5.12 9.57
C ASP A 460 6.09 -6.18 8.49
N GLY A 461 4.96 -6.01 7.78
CA GLY A 461 4.53 -6.89 6.67
C GLY A 461 5.09 -6.46 5.33
N ILE A 462 4.32 -5.66 4.61
CA ILE A 462 4.66 -5.15 3.25
C ILE A 462 6.01 -4.41 3.29
N THR A 463 6.39 -3.84 4.43
CA THR A 463 7.67 -3.10 4.62
C THR A 463 8.88 -4.04 4.40
N GLY A 464 8.74 -5.36 4.60
CA GLY A 464 9.88 -6.30 4.58
C GLY A 464 10.85 -6.08 5.75
N THR A 465 10.32 -5.80 6.94
CA THR A 465 11.17 -5.53 8.13
C THR A 465 10.92 -6.59 9.21
N ALA A 466 10.43 -7.78 8.86
CA ALA A 466 10.20 -8.90 9.80
C ALA A 466 11.32 -9.96 9.65
N LYS A 467 11.44 -10.86 10.64
CA LYS A 467 12.43 -11.95 10.60
C LYS A 467 12.00 -12.91 9.48
N THR A 468 12.94 -13.70 8.97
CA THR A 468 12.78 -14.63 7.82
C THR A 468 11.58 -15.57 8.04
N HIS A 469 11.45 -16.16 9.24
CA HIS A 469 10.36 -17.13 9.54
C HIS A 469 9.00 -16.42 9.59
N VAL A 470 8.97 -15.13 9.90
CA VAL A 470 7.71 -14.31 9.92
C VAL A 470 7.33 -13.94 8.47
N VAL A 471 8.28 -13.48 7.68
CA VAL A 471 8.05 -13.26 6.22
C VAL A 471 7.47 -14.54 5.61
N VAL A 472 7.97 -15.73 6.01
CA VAL A 472 7.51 -17.05 5.49
C VAL A 472 6.04 -17.23 5.90
N ASP A 473 5.69 -16.91 7.15
CA ASP A 473 4.28 -16.97 7.60
C ASP A 473 3.43 -16.05 6.68
N TYR A 474 3.85 -14.82 6.43
CA TYR A 474 3.04 -13.85 5.64
C TYR A 474 2.87 -14.43 4.23
N GLU A 475 3.97 -14.96 3.66
CA GLU A 475 3.93 -15.54 2.29
C GLU A 475 2.93 -16.69 2.22
N GLN A 476 2.97 -17.60 3.18
CA GLN A 476 2.06 -18.79 3.21
C GLN A 476 0.61 -18.33 3.39
N ARG A 477 0.38 -17.32 4.23
CA ARG A 477 -1.00 -16.78 4.43
C ARG A 477 -1.50 -16.17 3.11
N MET A 478 -0.65 -15.41 2.42
CA MET A 478 -1.06 -14.73 1.15
C MET A 478 -1.27 -15.80 0.07
N GLN A 479 -0.49 -16.87 0.09
CA GLN A 479 -0.64 -18.00 -0.87
C GLN A 479 -2.01 -18.66 -0.65
N GLU A 480 -2.40 -18.91 0.60
CA GLU A 480 -3.73 -19.51 0.91
C GLU A 480 -4.83 -18.54 0.46
N ALA A 481 -4.64 -17.24 0.69
CA ALA A 481 -5.58 -16.18 0.27
C ALA A 481 -5.74 -16.19 -1.27
N LEU A 482 -4.63 -16.31 -2.02
CA LEU A 482 -4.68 -16.35 -3.51
C LEU A 482 -5.54 -17.56 -3.91
N LYS A 483 -5.29 -18.74 -3.32
CA LYS A 483 -6.00 -20.00 -3.65
C LYS A 483 -7.49 -19.81 -3.34
N ALA A 484 -7.82 -19.20 -2.21
CA ALA A 484 -9.22 -18.88 -1.85
C ALA A 484 -9.88 -17.98 -2.92
N CYS A 485 -9.23 -16.89 -3.37
CA CYS A 485 -9.80 -15.99 -4.41
C CYS A 485 -10.05 -16.77 -5.73
N GLN A 486 -9.10 -17.61 -6.14
CA GLN A 486 -9.19 -18.41 -7.39
C GLN A 486 -10.47 -19.27 -7.36
N MET A 487 -10.68 -19.96 -6.25
CA MET A 487 -11.87 -20.85 -6.05
C MET A 487 -13.15 -20.02 -6.16
N VAL A 488 -13.21 -18.84 -5.54
CA VAL A 488 -14.42 -17.96 -5.60
C VAL A 488 -14.60 -17.48 -7.04
N MET A 489 -13.50 -17.05 -7.68
CA MET A 489 -13.53 -16.46 -9.04
C MET A 489 -14.03 -17.52 -10.03
N GLN A 490 -13.50 -18.75 -10.01
CA GLN A 490 -13.88 -19.79 -11.01
C GLN A 490 -15.35 -20.19 -10.82
N GLN A 491 -15.76 -20.45 -9.57
CA GLN A 491 -17.18 -20.76 -9.23
C GLN A 491 -18.07 -19.64 -9.76
N SER A 492 -17.68 -18.37 -9.59
CA SER A 492 -18.49 -17.19 -9.98
C SER A 492 -18.63 -17.11 -11.51
N VAL A 493 -17.55 -17.39 -12.23
CA VAL A 493 -17.50 -17.25 -13.72
C VAL A 493 -18.42 -18.34 -14.28
N TYR A 494 -18.31 -19.56 -13.75
CA TYR A 494 -19.13 -20.73 -14.21
C TYR A 494 -20.61 -20.35 -14.07
N ARG A 495 -21.00 -19.80 -12.91
CA ARG A 495 -22.39 -19.35 -12.67
C ARG A 495 -22.77 -18.24 -13.65
N LEU A 496 -21.89 -17.28 -13.92
CA LEU A 496 -22.29 -16.08 -14.71
C LEU A 496 -22.43 -16.43 -16.21
N LEU A 497 -21.75 -17.46 -16.68
CA LEU A 497 -21.65 -17.78 -18.14
C LEU A 497 -22.26 -19.15 -18.48
N THR A 498 -22.89 -19.86 -17.51
CA THR A 498 -23.60 -21.15 -17.73
C THR A 498 -25.10 -20.82 -17.74
N LYS A 499 -25.86 -21.31 -18.73
CA LYS A 499 -27.30 -20.98 -18.89
C LYS A 499 -28.02 -21.30 -17.58
N PRO A 500 -28.88 -20.41 -17.04
CA PRO A 500 -29.51 -20.66 -15.75
C PRO A 500 -30.32 -21.97 -15.72
N SER A 501 -30.90 -22.36 -16.86
CA SER A 501 -31.73 -23.59 -17.04
C SER A 501 -30.87 -24.85 -16.84
N ILE A 502 -29.55 -24.75 -17.03
CA ILE A 502 -28.58 -25.88 -16.91
C ILE A 502 -27.76 -25.78 -15.62
N TYR A 503 -27.47 -24.58 -15.13
CA TYR A 503 -26.48 -24.33 -14.03
C TYR A 503 -26.82 -25.24 -12.85
N SER A 504 -25.93 -26.16 -12.49
CA SER A 504 -26.16 -27.14 -11.40
C SER A 504 -24.84 -27.39 -10.69
N PRO A 505 -24.35 -26.45 -9.87
CA PRO A 505 -22.95 -26.47 -9.42
C PRO A 505 -22.60 -27.52 -8.38
N ASP A 506 -21.42 -28.13 -8.53
CA ASP A 506 -20.67 -28.80 -7.44
C ASP A 506 -19.72 -27.75 -6.87
N PHE A 507 -19.99 -27.28 -5.66
CA PHE A 507 -19.28 -26.14 -5.05
C PHE A 507 -17.85 -26.54 -4.71
N SER A 508 -17.50 -27.81 -4.80
CA SER A 508 -16.11 -28.29 -4.55
C SER A 508 -15.33 -28.46 -5.85
N PHE A 509 -15.92 -28.19 -7.01
CA PHE A 509 -15.33 -28.52 -8.33
C PHE A 509 -14.59 -27.31 -8.91
N SER A 510 -13.43 -27.57 -9.54
CA SER A 510 -12.64 -26.63 -10.37
C SER A 510 -13.16 -26.64 -11.80
N TYR A 511 -14.09 -25.72 -12.10
CA TYR A 511 -14.66 -25.54 -13.46
C TYR A 511 -13.65 -24.82 -14.37
N PHE A 512 -12.82 -23.93 -13.81
CA PHE A 512 -11.73 -23.24 -14.54
C PHE A 512 -10.47 -23.23 -13.66
N THR A 513 -9.29 -23.27 -14.26
CA THR A 513 -8.06 -22.84 -13.58
C THR A 513 -7.72 -21.45 -14.09
N LEU A 514 -7.10 -20.65 -13.24
CA LEU A 514 -6.67 -19.28 -13.58
C LEU A 514 -5.33 -19.39 -14.30
N ASP A 515 -5.11 -18.54 -15.30
CA ASP A 515 -3.81 -18.44 -15.98
C ASP A 515 -3.29 -17.02 -15.70
N ASP A 516 -2.12 -16.90 -15.12
CA ASP A 516 -1.54 -15.58 -14.78
C ASP A 516 -0.13 -15.56 -15.34
N SER A 517 0.09 -14.72 -16.36
CA SER A 517 1.42 -14.53 -17.01
C SER A 517 2.38 -13.75 -16.11
N ARG A 518 1.94 -13.05 -15.06
CA ARG A 518 2.85 -12.08 -14.34
C ARG A 518 3.14 -12.47 -12.90
N TRP A 519 2.44 -13.47 -12.36
CA TRP A 519 2.69 -13.96 -10.98
C TRP A 519 2.52 -15.48 -10.96
N PRO A 520 3.52 -16.22 -10.45
CA PRO A 520 4.82 -15.67 -10.05
C PRO A 520 5.73 -15.18 -11.19
N GLY A 521 5.42 -15.56 -12.45
CA GLY A 521 6.17 -15.19 -13.67
C GLY A 521 6.65 -16.41 -14.46
N VAL A 524 10.29 -17.18 -12.94
CA VAL A 524 10.37 -17.30 -11.46
C VAL A 524 9.97 -18.72 -11.05
N GLU A 525 8.74 -19.15 -11.33
CA GLU A 525 8.31 -20.58 -11.22
C GLU A 525 7.72 -21.01 -12.57
N ASP A 526 7.82 -22.31 -12.88
CA ASP A 526 7.33 -22.95 -14.13
C ASP A 526 5.91 -23.47 -13.88
N SER A 527 5.01 -22.59 -13.42
CA SER A 527 3.66 -22.92 -12.92
C SER A 527 2.67 -23.17 -14.07
N ARG A 528 2.54 -22.22 -15.00
CA ARG A 528 1.40 -22.09 -15.97
C ARG A 528 1.06 -23.43 -16.63
N THR A 529 -0.22 -23.78 -16.72
CA THR A 529 -0.68 -25.03 -17.41
C THR A 529 -0.60 -24.80 -18.93
N THR A 530 -0.14 -25.81 -19.67
CA THR A 530 -0.22 -25.87 -21.16
C THR A 530 -1.60 -26.42 -21.53
N ILE A 531 -2.38 -25.68 -22.31
CA ILE A 531 -3.62 -26.23 -22.94
C ILE A 531 -3.17 -27.25 -24.00
N ILE A 532 -3.51 -28.52 -23.83
CA ILE A 532 -3.12 -29.60 -24.78
C ILE A 532 -4.29 -29.83 -25.75
N LEU A 533 -4.08 -29.52 -27.03
CA LEU A 533 -5.09 -29.76 -28.09
C LEU A 533 -4.57 -30.84 -29.05
N GLY A 534 -5.50 -31.49 -29.76
CA GLY A 534 -5.24 -32.48 -30.82
C GLY A 534 -6.53 -32.86 -31.51
N GLU A 535 -6.52 -33.03 -32.84
CA GLU A 535 -7.71 -33.33 -33.69
C GLU A 535 -8.54 -34.47 -33.07
N ASP A 536 -7.86 -35.46 -32.48
CA ASP A 536 -8.48 -36.66 -31.85
C ASP A 536 -8.68 -36.40 -30.35
N ILE A 537 -7.60 -36.12 -29.61
CA ILE A 537 -7.58 -36.08 -28.11
C ILE A 537 -8.53 -34.98 -27.58
N LEU A 538 -8.32 -33.71 -27.93
CA LEU A 538 -9.19 -32.57 -27.53
C LEU A 538 -9.03 -31.42 -28.52
N PRO A 539 -9.97 -31.23 -29.46
CA PRO A 539 -9.76 -30.27 -30.55
C PRO A 539 -9.78 -28.78 -30.18
N SER A 540 -10.67 -28.36 -29.25
CA SER A 540 -10.90 -26.94 -28.90
C SER A 540 -10.97 -26.73 -27.37
N LYS A 541 -10.67 -25.49 -26.92
CA LYS A 541 -10.71 -25.06 -25.48
C LYS A 541 -11.40 -23.71 -25.34
N HIS A 542 -12.43 -23.64 -24.49
CA HIS A 542 -13.04 -22.36 -24.03
C HIS A 542 -12.11 -21.65 -23.02
N VAL A 543 -11.86 -20.37 -23.25
CA VAL A 543 -11.17 -19.47 -22.28
C VAL A 543 -12.08 -18.27 -22.02
N VAL A 544 -11.99 -17.68 -20.82
CA VAL A 544 -12.82 -16.53 -20.39
C VAL A 544 -11.90 -15.46 -19.78
N MET A 545 -12.11 -14.22 -20.15
CA MET A 545 -11.41 -13.02 -19.63
C MET A 545 -12.43 -12.25 -18.78
N HIS A 546 -12.01 -11.82 -17.59
CA HIS A 546 -12.78 -10.92 -16.69
C HIS A 546 -12.15 -9.52 -16.73
N ASN A 547 -12.98 -8.49 -16.69
CA ASN A 547 -12.55 -7.08 -16.66
C ASN A 547 -13.15 -6.41 -15.42
N THR A 548 -12.38 -6.27 -14.33
CA THR A 548 -12.89 -5.66 -13.07
C THR A 548 -13.18 -4.17 -13.29
N LEU A 549 -12.60 -3.52 -14.29
CA LEU A 549 -12.78 -2.05 -14.44
C LEU A 549 -14.14 -1.73 -15.07
N PRO A 550 -14.80 -0.62 -14.66
CA PRO A 550 -16.11 -0.25 -15.19
C PRO A 550 -16.10 0.48 -16.55
N HIS A 551 -15.27 0.06 -17.49
CA HIS A 551 -15.35 0.47 -18.93
C HIS A 551 -14.93 -0.69 -19.86
N TRP A 552 -15.35 -0.65 -21.12
CA TRP A 552 -14.91 -1.58 -22.19
C TRP A 552 -13.39 -1.56 -22.20
N ARG A 553 -12.77 -2.73 -22.25
CA ARG A 553 -11.31 -2.83 -22.33
C ARG A 553 -10.91 -3.88 -23.38
N GLU A 554 -9.89 -3.55 -24.18
CA GLU A 554 -9.21 -4.43 -25.14
C GLU A 554 -7.79 -4.58 -24.64
N GLN A 555 -7.35 -5.81 -24.48
CA GLN A 555 -6.01 -6.08 -23.91
C GLN A 555 -5.54 -7.37 -24.58
N LEU A 556 -4.30 -7.39 -25.02
CA LEU A 556 -3.69 -8.67 -25.45
C LEU A 556 -3.71 -9.61 -24.24
N VAL A 557 -4.14 -10.85 -24.47
CA VAL A 557 -3.99 -11.97 -23.50
C VAL A 557 -3.17 -13.04 -24.20
N ASP A 558 -2.50 -13.90 -23.42
CA ASP A 558 -1.73 -15.04 -23.94
C ASP A 558 -2.10 -16.30 -23.15
N PHE A 559 -2.00 -17.46 -23.81
CA PHE A 559 -2.08 -18.81 -23.18
C PHE A 559 -1.00 -19.74 -23.74
N TYR A 560 -0.51 -20.67 -22.93
CA TYR A 560 0.38 -21.78 -23.36
C TYR A 560 -0.46 -22.84 -24.07
N VAL A 561 -0.05 -23.25 -25.28
CA VAL A 561 -0.72 -24.29 -26.12
C VAL A 561 0.31 -25.30 -26.63
N SER A 562 -0.16 -26.55 -26.80
CA SER A 562 0.63 -27.76 -27.14
C SER A 562 1.09 -27.72 -28.61
N SER A 563 0.43 -26.93 -29.47
CA SER A 563 0.70 -26.78 -30.94
C SER A 563 0.70 -25.32 -31.37
N PRO A 564 1.56 -24.91 -32.33
CA PRO A 564 1.50 -23.57 -32.91
C PRO A 564 0.35 -23.37 -33.89
N PHE A 565 -0.32 -24.44 -34.32
CA PHE A 565 -1.41 -24.37 -35.33
C PHE A 565 -2.74 -24.21 -34.59
N VAL A 566 -2.92 -23.02 -34.01
CA VAL A 566 -4.14 -22.69 -33.22
C VAL A 566 -4.73 -21.41 -33.77
N SER A 567 -6.07 -21.40 -33.83
CA SER A 567 -6.92 -20.29 -34.34
C SER A 567 -7.84 -19.87 -33.21
N VAL A 568 -8.12 -18.56 -33.14
CA VAL A 568 -8.98 -17.98 -32.07
C VAL A 568 -10.30 -17.55 -32.70
N THR A 569 -11.41 -17.89 -32.05
CA THR A 569 -12.74 -17.33 -32.37
C THR A 569 -13.39 -16.86 -31.07
N ASP A 570 -14.38 -15.97 -31.19
CA ASP A 570 -15.39 -15.75 -30.13
C ASP A 570 -16.36 -16.95 -30.17
N LEU A 571 -17.41 -16.92 -29.35
CA LEU A 571 -18.33 -18.08 -29.24
C LEU A 571 -19.23 -18.12 -30.48
N ALA A 572 -19.50 -16.96 -31.10
CA ALA A 572 -20.26 -16.82 -32.37
C ALA A 572 -19.41 -17.24 -33.59
N ASN A 573 -18.21 -17.78 -33.35
CA ASN A 573 -17.28 -18.31 -34.39
C ASN A 573 -16.71 -17.18 -35.28
N ASN A 574 -16.85 -15.91 -34.89
CA ASN A 574 -16.13 -14.80 -35.55
C ASN A 574 -14.64 -15.00 -35.33
N PRO A 575 -13.82 -15.01 -36.40
CA PRO A 575 -12.39 -15.26 -36.27
C PRO A 575 -11.76 -14.06 -35.53
N VAL A 576 -10.66 -14.30 -34.83
CA VAL A 576 -9.95 -13.23 -34.09
C VAL A 576 -8.49 -13.34 -34.46
N GLU A 577 -7.89 -12.22 -34.86
CA GLU A 577 -6.48 -12.19 -35.29
C GLU A 577 -5.63 -12.55 -34.07
N ALA A 578 -4.65 -13.42 -34.29
CA ALA A 578 -3.82 -14.01 -33.24
C ALA A 578 -2.39 -14.09 -33.73
N GLN A 579 -1.47 -14.13 -32.78
CA GLN A 579 -0.03 -14.35 -33.02
C GLN A 579 0.40 -15.50 -32.10
N VAL A 580 1.30 -16.34 -32.61
CA VAL A 580 1.95 -17.43 -31.85
C VAL A 580 3.44 -17.10 -31.75
N SER A 581 3.94 -17.12 -30.52
CA SER A 581 5.37 -16.92 -30.20
C SER A 581 5.88 -18.21 -29.57
N PRO A 582 7.19 -18.42 -29.57
CA PRO A 582 7.77 -19.50 -28.77
C PRO A 582 7.70 -19.17 -27.27
N VAL A 583 7.83 -20.21 -26.45
CA VAL A 583 8.05 -20.11 -24.99
C VAL A 583 9.55 -20.12 -24.75
N TRP A 584 10.09 -19.00 -24.26
CA TRP A 584 11.52 -18.85 -23.93
C TRP A 584 11.74 -18.93 -22.42
N SER A 585 12.86 -19.52 -21.99
CA SER A 585 13.36 -19.53 -20.59
CA SER A 585 13.35 -19.53 -20.59
C SER A 585 14.84 -19.14 -20.59
N TRP A 586 15.36 -18.66 -19.45
CA TRP A 586 16.79 -18.28 -19.31
C TRP A 586 17.50 -19.20 -18.32
N HIS A 587 18.75 -19.58 -18.61
CA HIS A 587 19.52 -20.63 -17.91
C HIS A 587 20.96 -20.16 -17.64
N HIS A 588 21.57 -20.68 -16.58
CA HIS A 588 22.78 -20.12 -15.92
C HIS A 588 23.91 -21.15 -15.97
N THR A 594 27.60 -17.74 -17.89
CA THR A 594 26.86 -16.85 -18.81
C THR A 594 25.37 -17.25 -18.86
N ILE A 595 24.50 -16.33 -19.29
CA ILE A 595 23.01 -16.46 -19.19
C ILE A 595 22.47 -16.42 -20.61
N HIS A 596 21.89 -17.54 -21.07
CA HIS A 596 21.45 -17.77 -22.47
C HIS A 596 20.00 -18.28 -22.49
N PRO A 597 19.23 -17.90 -23.53
CA PRO A 597 17.86 -18.40 -23.67
C PRO A 597 17.79 -19.81 -24.26
N GLN A 598 16.76 -20.57 -23.88
CA GLN A 598 16.40 -21.91 -24.39
C GLN A 598 14.91 -21.90 -24.73
N GLY A 599 14.52 -22.52 -25.85
CA GLY A 599 13.14 -22.54 -26.38
C GLY A 599 12.48 -23.89 -26.17
N SER A 600 11.16 -23.90 -25.95
CA SER A 600 10.34 -25.14 -25.82
C SER A 600 10.09 -25.71 -27.21
N THR A 601 9.99 -27.04 -27.31
CA THR A 601 9.65 -27.77 -28.56
C THR A 601 8.25 -28.37 -28.37
N THR A 602 7.60 -28.08 -27.24
CA THR A 602 6.33 -28.74 -26.84
C THR A 602 5.25 -27.74 -26.39
N LYS A 603 5.56 -26.45 -26.19
CA LYS A 603 4.51 -25.43 -25.87
C LYS A 603 4.82 -24.09 -26.55
N TYR A 604 3.76 -23.35 -26.88
CA TYR A 604 3.80 -22.10 -27.67
C TYR A 604 2.86 -21.11 -26.99
N ARG A 605 3.11 -19.80 -27.15
CA ARG A 605 2.17 -18.76 -26.67
C ARG A 605 1.24 -18.40 -27.81
N ILE A 606 -0.07 -18.52 -27.57
CA ILE A 606 -1.09 -17.93 -28.47
C ILE A 606 -1.47 -16.59 -27.85
N ILE A 607 -1.44 -15.53 -28.65
CA ILE A 607 -1.65 -14.12 -28.22
C ILE A 607 -2.75 -13.53 -29.08
N PHE A 608 -3.76 -12.93 -28.45
CA PHE A 608 -4.86 -12.25 -29.16
C PHE A 608 -5.44 -11.17 -28.25
N LYS A 609 -6.22 -10.29 -28.85
CA LYS A 609 -6.81 -9.10 -28.20
C LYS A 609 -8.18 -9.54 -27.69
N ALA A 610 -8.37 -9.59 -26.36
CA ALA A 610 -9.71 -9.79 -25.74
C ALA A 610 -10.40 -8.44 -25.63
N ARG A 611 -11.64 -8.33 -26.12
CA ARG A 611 -12.57 -7.20 -25.85
C ARG A 611 -13.53 -7.64 -24.74
N VAL A 612 -13.53 -6.98 -23.59
CA VAL A 612 -14.31 -7.42 -22.40
C VAL A 612 -15.21 -6.28 -21.95
N PRO A 613 -16.51 -6.55 -21.68
CA PRO A 613 -17.41 -5.53 -21.18
C PRO A 613 -16.97 -4.93 -19.83
N PRO A 614 -17.54 -3.77 -19.45
CA PRO A 614 -17.26 -3.17 -18.15
C PRO A 614 -17.69 -4.16 -17.07
N MET A 615 -16.82 -4.42 -16.09
CA MET A 615 -17.16 -5.29 -14.93
C MET A 615 -17.82 -6.57 -15.51
N GLY A 616 -17.25 -7.09 -16.60
CA GLY A 616 -17.89 -8.14 -17.42
C GLY A 616 -16.94 -9.26 -17.81
N LEU A 617 -17.47 -10.23 -18.57
CA LEU A 617 -16.75 -11.43 -19.04
C LEU A 617 -16.95 -11.57 -20.56
N ALA A 618 -15.94 -12.13 -21.23
CA ALA A 618 -15.95 -12.48 -22.67
C ALA A 618 -15.35 -13.88 -22.83
N THR A 619 -16.05 -14.75 -23.57
CA THR A 619 -15.62 -16.14 -23.88
C THR A 619 -14.96 -16.17 -25.28
N TYR A 620 -13.87 -16.89 -25.39
CA TYR A 620 -13.20 -17.20 -26.68
C TYR A 620 -12.86 -18.70 -26.72
N VAL A 621 -12.45 -19.17 -27.89
CA VAL A 621 -12.23 -20.61 -28.20
C VAL A 621 -10.91 -20.73 -28.95
N LEU A 622 -10.02 -21.58 -28.47
CA LEU A 622 -8.76 -21.93 -29.13
C LEU A 622 -8.94 -23.30 -29.80
N THR A 623 -8.75 -23.39 -31.11
CA THR A 623 -8.94 -24.62 -31.93
C THR A 623 -7.62 -25.00 -32.64
N ILE A 624 -7.23 -26.28 -32.60
CA ILE A 624 -6.05 -26.80 -33.35
C ILE A 624 -6.47 -27.04 -34.82
N SER A 625 -5.50 -27.06 -35.73
CA SER A 625 -5.70 -27.44 -37.16
C SER A 625 -4.49 -28.27 -37.65
N ASP A 626 -4.56 -28.77 -38.90
CA ASP A 626 -3.46 -29.44 -39.65
C ASP A 626 -2.23 -28.55 -39.64
N SER A 627 -2.41 -27.29 -40.08
CA SER A 627 -1.35 -26.31 -40.41
C SER A 627 -1.84 -24.88 -40.20
N LYS A 628 -1.02 -23.90 -40.61
CA LYS A 628 -1.20 -22.45 -40.36
C LYS A 628 -2.62 -22.02 -40.72
N PRO A 629 -3.39 -21.53 -39.73
CA PRO A 629 -4.76 -21.09 -39.97
C PRO A 629 -4.76 -19.72 -40.64
N GLU A 630 -5.92 -19.26 -41.12
CA GLU A 630 -6.04 -17.99 -41.90
C GLU A 630 -5.61 -16.79 -41.04
N HIS A 631 -5.96 -16.76 -39.74
CA HIS A 631 -5.96 -15.52 -38.92
C HIS A 631 -4.92 -15.56 -37.80
N THR A 632 -3.94 -16.45 -37.87
CA THR A 632 -2.83 -16.59 -36.89
C THR A 632 -1.52 -16.33 -37.62
N SER A 633 -0.75 -15.31 -37.20
CA SER A 633 0.63 -14.99 -37.66
C SER A 633 1.63 -15.65 -36.73
N TYR A 634 2.88 -15.77 -37.16
CA TYR A 634 4.01 -16.37 -36.41
C TYR A 634 5.10 -15.31 -36.31
N ALA A 635 5.67 -15.17 -35.12
CA ALA A 635 6.74 -14.22 -34.81
C ALA A 635 8.06 -14.79 -35.31
N SER A 636 8.96 -13.91 -35.75
CA SER A 636 10.37 -14.24 -36.01
C SER A 636 11.12 -14.14 -34.68
N ASN A 637 12.26 -14.80 -34.62
CA ASN A 637 13.13 -14.79 -33.42
C ASN A 637 14.55 -14.52 -33.94
N LEU A 638 15.26 -13.62 -33.29
CA LEU A 638 16.65 -13.24 -33.62
C LEU A 638 17.46 -13.32 -32.33
N LEU A 639 18.38 -14.28 -32.26
CA LEU A 639 19.35 -14.45 -31.16
C LEU A 639 20.63 -13.67 -31.52
N LEU A 640 20.87 -12.51 -30.91
CA LEU A 640 22.12 -11.72 -31.09
C LEU A 640 23.11 -12.16 -30.01
N ARG A 641 24.31 -12.61 -30.38
CA ARG A 641 25.41 -12.99 -29.43
C ARG A 641 26.75 -13.13 -30.18
N LEU A 647 19.22 -23.80 -31.79
CA LEU A 647 18.02 -23.84 -30.89
C LEU A 647 16.79 -24.26 -31.69
N PRO A 648 16.33 -25.53 -31.57
CA PRO A 648 15.10 -25.98 -32.23
C PRO A 648 13.86 -25.46 -31.46
N LEU A 649 12.70 -25.42 -32.12
CA LEU A 649 11.39 -24.99 -31.55
C LEU A 649 10.26 -25.95 -31.99
N GLY A 650 10.53 -27.25 -32.07
CA GLY A 650 9.54 -28.29 -32.40
C GLY A 650 8.85 -27.97 -33.72
N GLN A 651 7.51 -27.86 -33.72
CA GLN A 651 6.69 -27.59 -34.94
C GLN A 651 6.50 -26.08 -35.18
N TYR A 652 7.17 -25.21 -34.41
CA TYR A 652 7.15 -23.74 -34.65
C TYR A 652 7.62 -23.51 -36.07
N PRO A 653 6.78 -22.94 -36.96
CA PRO A 653 7.07 -22.89 -38.39
C PRO A 653 8.11 -21.87 -38.89
N GLU A 654 8.66 -21.00 -38.03
CA GLU A 654 9.69 -19.99 -38.42
C GLU A 654 10.97 -20.24 -37.61
N ASP A 655 12.09 -20.53 -38.27
CA ASP A 655 13.33 -20.94 -37.58
C ASP A 655 14.00 -19.73 -36.95
N VAL A 656 14.70 -19.95 -35.83
CA VAL A 656 15.50 -18.93 -35.10
C VAL A 656 16.69 -18.52 -35.99
N LYS A 657 16.76 -17.23 -36.31
CA LYS A 657 17.92 -16.57 -36.97
C LYS A 657 18.92 -16.10 -35.90
N PHE A 658 20.18 -15.92 -36.31
CA PHE A 658 21.36 -15.64 -35.46
C PHE A 658 22.13 -14.48 -36.07
N GLY A 659 23.04 -13.89 -35.27
CA GLY A 659 23.75 -12.65 -35.66
C GLY A 659 24.61 -12.11 -34.54
N ASP A 660 25.51 -11.19 -34.89
CA ASP A 660 26.41 -10.50 -33.94
C ASP A 660 25.60 -9.46 -33.17
N PRO A 661 25.98 -9.13 -31.92
CA PRO A 661 25.37 -8.01 -31.22
C PRO A 661 25.34 -6.78 -32.12
N ARG A 662 24.21 -6.07 -32.13
CA ARG A 662 24.00 -4.83 -32.94
C ARG A 662 22.79 -4.07 -32.38
N GLU A 663 22.73 -2.77 -32.67
CA GLU A 663 21.54 -1.92 -32.39
C GLU A 663 20.35 -2.48 -33.17
N ILE A 664 19.14 -2.36 -32.59
CA ILE A 664 17.83 -2.75 -33.22
C ILE A 664 16.81 -1.65 -32.96
N SER A 665 15.88 -1.54 -33.88
CA SER A 665 14.66 -0.68 -33.82
CA SER A 665 14.66 -0.69 -33.79
C SER A 665 13.46 -1.60 -34.00
N LEU A 666 12.37 -1.37 -33.26
CA LEU A 666 11.13 -2.15 -33.37
C LEU A 666 9.96 -1.20 -33.26
N ARG A 667 8.90 -1.46 -34.01
CA ARG A 667 7.60 -0.76 -33.89
C ARG A 667 6.52 -1.83 -33.95
N VAL A 668 5.46 -1.69 -33.15
CA VAL A 668 4.23 -2.51 -33.24
C VAL A 668 3.06 -1.55 -33.46
N GLY A 669 2.12 -1.89 -34.34
CA GLY A 669 0.97 -1.05 -34.71
C GLY A 669 1.43 0.35 -35.09
N ASN A 670 0.58 1.36 -34.88
CA ASN A 670 0.95 2.77 -35.14
C ASN A 670 1.58 3.37 -33.87
N GLY A 671 1.83 2.55 -32.84
CA GLY A 671 2.40 2.92 -31.53
C GLY A 671 3.87 3.28 -31.70
N PRO A 672 4.65 3.49 -30.62
CA PRO A 672 5.96 4.13 -30.77
C PRO A 672 7.00 3.20 -31.38
N THR A 673 8.08 3.82 -31.85
CA THR A 673 9.29 3.13 -32.38
C THR A 673 10.36 3.20 -31.29
N LEU A 674 10.87 2.05 -30.87
CA LEU A 674 11.84 1.99 -29.77
C LEU A 674 13.15 1.52 -30.37
N ALA A 675 14.24 2.18 -30.01
CA ALA A 675 15.61 1.80 -30.41
C ALA A 675 16.32 1.24 -29.17
N PHE A 676 17.11 0.19 -29.34
CA PHE A 676 17.84 -0.53 -28.28
C PHE A 676 19.33 -0.54 -28.62
N SER A 677 20.16 -0.45 -27.58
CA SER A 677 21.63 -0.60 -27.66
C SER A 677 21.95 -2.04 -28.08
N GLU A 678 23.24 -2.37 -28.24
CA GLU A 678 23.70 -3.73 -28.60
C GLU A 678 23.70 -4.64 -27.36
N GLN A 679 23.35 -4.09 -26.19
CA GLN A 679 23.21 -4.87 -24.93
C GLN A 679 21.73 -5.10 -24.61
N GLY A 680 20.83 -4.63 -25.48
CA GLY A 680 19.39 -4.93 -25.43
C GLY A 680 18.64 -3.97 -24.53
N LEU A 681 19.23 -2.80 -24.26
CA LEU A 681 18.69 -1.77 -23.34
C LEU A 681 18.21 -0.57 -24.16
N LEU A 682 17.00 -0.10 -23.88
CA LEU A 682 16.34 1.04 -24.57
C LEU A 682 17.31 2.22 -24.65
N LYS A 683 17.45 2.84 -25.83
CA LYS A 683 18.28 4.06 -26.00
C LYS A 683 17.41 5.23 -26.44
N SER A 684 16.28 5.00 -27.12
CA SER A 684 15.43 6.10 -27.63
C SER A 684 14.02 5.63 -27.97
N ILE A 685 13.10 6.58 -27.92
CA ILE A 685 11.66 6.44 -28.22
C ILE A 685 11.28 7.54 -29.21
N GLN A 686 10.78 7.15 -30.37
CA GLN A 686 10.09 8.03 -31.33
C GLN A 686 8.60 7.76 -31.20
N LEU A 687 7.85 8.75 -30.73
CA LEU A 687 6.40 8.64 -30.44
C LEU A 687 5.60 8.34 -31.70
N THR A 688 5.73 9.20 -32.72
CA THR A 688 5.00 9.17 -34.02
C THR A 688 6.04 9.17 -35.16
N GLN A 689 5.58 9.03 -36.40
CA GLN A 689 6.43 8.86 -37.61
C GLN A 689 7.24 10.14 -37.86
N ASP A 690 6.63 11.31 -37.61
CA ASP A 690 7.18 12.64 -37.97
C ASP A 690 7.69 13.38 -36.71
N SER A 691 8.11 12.66 -35.66
CA SER A 691 8.61 13.27 -34.39
C SER A 691 10.02 12.76 -34.10
N PRO A 692 10.78 13.43 -33.20
CA PRO A 692 12.19 13.09 -32.99
C PRO A 692 12.42 11.75 -32.27
N HIS A 693 13.64 11.20 -32.45
CA HIS A 693 14.19 10.06 -31.67
C HIS A 693 14.67 10.61 -30.30
N VAL A 694 13.80 10.58 -29.30
CA VAL A 694 14.03 11.16 -27.94
C VAL A 694 14.93 10.21 -27.15
N PRO A 695 16.13 10.63 -26.69
CA PRO A 695 17.02 9.73 -25.96
C PRO A 695 16.36 9.32 -24.63
N VAL A 696 16.31 8.02 -24.35
CA VAL A 696 15.82 7.43 -23.07
C VAL A 696 16.65 6.15 -22.87
N HIS A 697 17.71 6.23 -22.05
CA HIS A 697 18.63 5.10 -21.81
C HIS A 697 18.25 4.45 -20.48
N PHE A 698 17.97 3.14 -20.51
CA PHE A 698 17.92 2.27 -19.33
C PHE A 698 19.36 1.90 -19.01
N LYS A 699 19.68 1.81 -17.71
CA LYS A 699 21.01 1.43 -17.19
C LYS A 699 20.82 0.82 -15.79
N PHE A 700 21.49 -0.29 -15.52
CA PHE A 700 21.58 -0.92 -14.19
C PHE A 700 22.83 -0.38 -13.50
N LEU A 701 22.70 0.03 -12.24
CA LEU A 701 23.83 0.42 -11.35
C LEU A 701 23.67 -0.30 -10.01
N LYS A 702 24.66 -0.15 -9.13
CA LYS A 702 24.66 -0.78 -7.80
C LYS A 702 25.06 0.29 -6.77
N TYR A 703 24.50 0.15 -5.57
CA TYR A 703 24.90 0.88 -4.34
C TYR A 703 25.56 -0.15 -3.43
N GLY A 704 26.55 0.31 -2.65
CA GLY A 704 27.23 -0.52 -1.64
C GLY A 704 26.89 -0.08 -0.22
N VAL A 705 27.52 -0.73 0.75
CA VAL A 705 27.33 -0.53 2.21
C VAL A 705 28.58 0.16 2.75
N ARG A 706 28.42 1.08 3.70
CA ARG A 706 29.55 1.78 4.37
C ARG A 706 30.40 0.75 5.13
N SER A 707 31.71 0.85 4.97
CA SER A 707 32.73 0.05 5.69
C SER A 707 32.81 0.52 7.14
N HIS A 708 32.82 1.84 7.35
CA HIS A 708 32.90 2.50 8.67
C HIS A 708 31.65 3.36 8.89
N GLY A 709 31.08 3.27 10.09
CA GLY A 709 29.87 4.00 10.47
C GLY A 709 28.64 3.16 10.26
N ASP A 710 27.53 3.83 9.98
CA ASP A 710 26.17 3.20 10.06
C ASP A 710 25.99 2.28 8.84
N ARG A 711 25.59 1.04 9.10
CA ARG A 711 25.29 -0.05 8.13
C ARG A 711 23.83 0.01 7.67
N SER A 712 23.60 0.03 6.36
CA SER A 712 22.29 -0.25 5.71
C SER A 712 21.72 -1.56 6.26
N GLY A 713 20.40 -1.61 6.48
CA GLY A 713 19.68 -2.81 6.95
C GLY A 713 18.30 -2.92 6.30
N ALA A 714 17.38 -3.69 6.88
CA ALA A 714 15.99 -3.83 6.40
C ALA A 714 15.34 -2.45 6.33
N TYR A 715 15.67 -1.54 7.25
CA TYR A 715 15.04 -0.19 7.38
C TYR A 715 15.83 0.88 6.67
N LEU A 716 17.13 0.96 6.97
CA LEU A 716 18.00 2.13 6.64
C LEU A 716 18.65 1.91 5.28
N PHE A 717 18.69 2.98 4.48
CA PHE A 717 19.46 3.09 3.22
C PHE A 717 20.64 4.04 3.46
N LEU A 718 21.84 3.45 3.62
CA LEU A 718 23.10 4.18 3.94
C LEU A 718 24.15 3.80 2.91
N PRO A 719 24.05 4.32 1.68
CA PRO A 719 24.97 3.98 0.59
C PRO A 719 26.34 4.63 0.84
N ASN A 720 27.42 3.95 0.45
CA ASN A 720 28.79 4.52 0.36
C ASN A 720 28.91 5.28 -0.96
N GLY A 721 28.25 6.45 -1.08
CA GLY A 721 28.30 7.35 -2.26
C GLY A 721 27.41 6.91 -3.42
N PRO A 722 27.42 7.69 -4.52
CA PRO A 722 26.65 7.38 -5.74
C PRO A 722 26.78 5.93 -6.23
N ALA A 723 25.76 5.47 -6.96
CA ALA A 723 25.74 4.12 -7.56
C ALA A 723 26.78 4.08 -8.68
N SER A 724 27.40 2.90 -8.87
CA SER A 724 28.41 2.61 -9.93
C SER A 724 27.85 1.58 -10.91
N PRO A 725 28.07 1.76 -12.24
CA PRO A 725 27.53 0.86 -13.26
C PRO A 725 27.87 -0.62 -13.03
N VAL A 726 26.95 -1.49 -13.41
CA VAL A 726 27.07 -2.98 -13.37
C VAL A 726 27.75 -3.41 -14.66
N GLU A 727 28.84 -4.18 -14.59
CA GLU A 727 29.54 -4.69 -15.80
C GLU A 727 28.60 -5.72 -16.46
N LEU A 728 28.13 -5.40 -17.67
CA LEU A 728 27.11 -6.17 -18.42
C LEU A 728 27.76 -7.35 -19.16
N GLY A 729 29.09 -7.38 -19.27
CA GLY A 729 29.87 -8.38 -20.03
C GLY A 729 29.50 -8.39 -21.50
N GLN A 730 29.46 -9.58 -22.12
CA GLN A 730 28.91 -9.80 -23.48
C GLN A 730 27.61 -10.58 -23.29
N PRO A 731 26.44 -9.89 -23.23
CA PRO A 731 25.16 -10.54 -22.95
C PRO A 731 24.40 -10.98 -24.22
N VAL A 732 23.75 -12.14 -24.15
CA VAL A 732 22.83 -12.64 -25.21
C VAL A 732 21.56 -11.79 -25.22
N VAL A 733 21.16 -11.31 -26.39
CA VAL A 733 19.96 -10.46 -26.60
C VAL A 733 19.00 -11.24 -27.51
N LEU A 734 17.80 -11.55 -27.01
CA LEU A 734 16.71 -12.22 -27.77
C LEU A 734 15.74 -11.14 -28.28
N VAL A 735 15.47 -11.17 -29.59
CA VAL A 735 14.51 -10.25 -30.26
C VAL A 735 13.43 -11.11 -30.87
N THR A 736 12.18 -10.91 -30.42
CA THR A 736 10.99 -11.57 -30.97
C THR A 736 10.17 -10.47 -31.64
N LYS A 737 9.76 -10.65 -32.88
CA LYS A 737 9.04 -9.60 -33.63
C LYS A 737 7.74 -10.20 -34.16
N GLY A 738 6.59 -9.60 -33.82
CA GLY A 738 5.29 -10.08 -34.31
C GLY A 738 4.38 -8.92 -34.69
N LYS A 739 3.29 -9.24 -35.38
CA LYS A 739 2.22 -8.28 -35.77
C LYS A 739 1.59 -7.67 -34.51
N LEU A 740 1.38 -8.46 -33.44
CA LEU A 740 0.59 -8.06 -32.25
C LEU A 740 1.48 -7.66 -31.08
N GLU A 741 2.65 -8.28 -30.97
CA GLU A 741 3.55 -8.15 -29.80
C GLU A 741 4.99 -8.48 -30.19
N SER A 742 5.93 -7.61 -29.87
CA SER A 742 7.39 -7.86 -30.02
C SER A 742 8.04 -7.57 -28.67
N SER A 743 9.24 -8.09 -28.45
CA SER A 743 10.02 -7.89 -27.21
CA SER A 743 10.02 -7.92 -27.21
C SER A 743 11.51 -8.01 -27.52
N VAL A 744 12.32 -7.33 -26.71
CA VAL A 744 13.78 -7.44 -26.58
C VAL A 744 14.05 -7.89 -25.14
N SER A 745 14.65 -9.07 -24.98
CA SER A 745 15.07 -9.66 -23.69
C SER A 745 16.59 -9.74 -23.69
N VAL A 746 17.23 -9.54 -22.52
CA VAL A 746 18.68 -9.77 -22.34
C VAL A 746 18.92 -10.37 -20.95
N GLY A 747 19.84 -11.34 -20.86
CA GLY A 747 20.30 -11.93 -19.59
C GLY A 747 21.47 -11.13 -19.05
N LEU A 748 21.22 -10.11 -18.23
CA LEU A 748 22.29 -9.35 -17.53
C LEU A 748 22.64 -10.12 -16.26
N PRO A 749 23.77 -9.80 -15.58
CA PRO A 749 24.09 -10.44 -14.31
C PRO A 749 23.10 -9.90 -13.27
N SER A 750 22.31 -10.78 -12.64
CA SER A 750 21.30 -10.48 -11.58
C SER A 750 19.91 -10.19 -12.18
N VAL A 751 19.78 -9.92 -13.48
CA VAL A 751 18.52 -9.39 -14.07
C VAL A 751 18.36 -9.89 -15.50
N VAL A 752 17.29 -10.65 -15.77
CA VAL A 752 16.75 -10.77 -17.15
C VAL A 752 15.82 -9.58 -17.38
N HIS A 753 16.25 -8.67 -18.26
CA HIS A 753 15.60 -7.39 -18.62
C HIS A 753 14.80 -7.63 -19.89
N GLN A 754 13.52 -7.18 -19.92
CA GLN A 754 12.64 -7.36 -21.09
C GLN A 754 11.82 -6.09 -21.35
N THR A 755 11.83 -5.63 -22.60
CA THR A 755 10.94 -4.58 -23.13
C THR A 755 9.92 -5.26 -24.05
N ILE A 756 8.63 -5.11 -23.76
CA ILE A 756 7.54 -5.74 -24.54
C ILE A 756 6.77 -4.59 -25.19
N MET A 757 6.42 -4.76 -26.45
CA MET A 757 5.71 -3.77 -27.27
C MET A 757 4.41 -4.38 -27.80
N ARG A 758 3.30 -3.67 -27.59
CA ARG A 758 1.97 -4.12 -28.05
C ARG A 758 1.23 -2.96 -28.72
N GLY A 759 1.90 -1.84 -29.02
CA GLY A 759 1.29 -0.76 -29.81
C GLY A 759 0.96 0.47 -29.00
N GLY A 760 1.45 0.57 -27.77
CA GLY A 760 1.44 1.83 -27.01
C GLY A 760 2.67 1.91 -26.14
N ALA A 761 2.52 2.45 -24.93
CA ALA A 761 3.61 2.48 -23.93
C ALA A 761 4.13 1.07 -23.74
N PRO A 762 5.46 0.83 -23.86
CA PRO A 762 5.99 -0.50 -23.64
C PRO A 762 5.87 -0.96 -22.18
N GLU A 763 6.03 -2.26 -21.98
CA GLU A 763 6.01 -2.91 -20.65
C GLU A 763 7.41 -3.40 -20.41
N ILE A 764 7.96 -3.09 -19.25
CA ILE A 764 9.30 -3.55 -18.79
C ILE A 764 9.08 -4.67 -17.77
N ARG A 765 9.78 -5.80 -17.93
CA ARG A 765 9.86 -6.87 -16.92
C ARG A 765 11.30 -7.14 -16.55
N ASN A 766 11.61 -7.09 -15.26
CA ASN A 766 12.91 -7.49 -14.69
C ASN A 766 12.68 -8.76 -13.88
N LEU A 767 13.30 -9.87 -14.28
CA LEU A 767 13.43 -11.06 -13.41
C LEU A 767 14.68 -10.81 -12.54
N VAL A 768 14.49 -10.43 -11.27
CA VAL A 768 15.63 -9.95 -10.43
C VAL A 768 16.09 -11.08 -9.50
N ASP A 769 17.33 -11.50 -9.65
CA ASP A 769 17.97 -12.55 -8.80
C ASP A 769 19.32 -12.01 -8.33
N ILE A 770 19.34 -11.39 -7.15
CA ILE A 770 20.51 -10.74 -6.50
C ILE A 770 21.39 -11.84 -5.89
N GLY A 771 20.90 -13.08 -5.87
CA GLY A 771 21.70 -14.30 -5.62
C GLY A 771 22.62 -14.20 -4.41
N SER A 772 23.90 -13.90 -4.61
CA SER A 772 24.94 -13.93 -3.56
C SER A 772 25.63 -12.57 -3.37
N LEU A 773 25.24 -11.54 -4.12
CA LEU A 773 25.92 -10.22 -4.14
C LEU A 773 25.68 -9.51 -2.80
N ASP A 774 26.29 -9.97 -1.70
CA ASP A 774 26.09 -9.36 -0.35
C ASP A 774 26.43 -7.86 -0.45
N ASN A 775 25.80 -7.06 0.41
CA ASN A 775 26.02 -5.60 0.55
C ASN A 775 25.88 -4.91 -0.81
N THR A 776 24.85 -5.29 -1.57
CA THR A 776 24.49 -4.75 -2.91
C THR A 776 23.02 -4.35 -2.93
N GLU A 777 22.74 -3.15 -3.45
CA GLU A 777 21.39 -2.69 -3.88
C GLU A 777 21.45 -2.44 -5.39
N ILE A 778 20.67 -3.19 -6.17
CA ILE A 778 20.55 -3.07 -7.65
C ILE A 778 19.48 -2.03 -7.98
N VAL A 779 19.86 -0.99 -8.71
CA VAL A 779 18.94 0.10 -9.10
C VAL A 779 18.79 0.11 -10.64
N MET A 780 17.62 0.49 -11.12
CA MET A 780 17.34 0.68 -12.56
C MET A 780 17.12 2.17 -12.77
N ARG A 781 17.93 2.81 -13.62
CA ARG A 781 17.92 4.28 -13.86
C ARG A 781 17.54 4.55 -15.32
N LEU A 782 16.74 5.58 -15.55
CA LEU A 782 16.40 6.13 -16.87
C LEU A 782 17.13 7.48 -16.99
N GLU A 783 17.78 7.74 -18.12
CA GLU A 783 18.54 8.99 -18.40
C GLU A 783 17.90 9.66 -19.62
N THR A 784 17.40 10.87 -19.45
CA THR A 784 16.80 11.66 -20.53
C THR A 784 17.51 13.02 -20.59
N HIS A 785 17.13 13.85 -21.56
CA HIS A 785 17.52 15.27 -21.67
C HIS A 785 16.32 16.08 -21.21
N ILE A 786 15.35 15.44 -20.53
CA ILE A 786 14.20 16.21 -19.97
C ILE A 786 14.78 17.18 -18.97
N ASP A 787 14.32 18.45 -19.01
CA ASP A 787 14.89 19.58 -18.24
C ASP A 787 14.12 19.70 -16.91
N SER A 788 14.13 18.62 -16.12
CA SER A 788 13.30 18.50 -14.88
C SER A 788 13.86 19.41 -13.79
N GLY A 789 15.19 19.52 -13.73
CA GLY A 789 15.92 20.28 -12.71
C GLY A 789 16.04 19.46 -11.44
N ASP A 790 15.45 19.97 -10.36
CA ASP A 790 15.45 19.33 -9.01
C ASP A 790 14.06 18.76 -8.73
N ILE A 791 13.12 18.90 -9.67
CA ILE A 791 11.69 18.52 -9.51
C ILE A 791 11.47 17.09 -10.03
N PHE A 792 10.79 16.28 -9.23
CA PHE A 792 10.22 14.99 -9.67
C PHE A 792 8.91 14.78 -8.91
N TYR A 793 8.11 13.82 -9.37
CA TYR A 793 6.81 13.47 -8.77
C TYR A 793 6.80 11.95 -8.51
N THR A 794 6.23 11.60 -7.36
CA THR A 794 6.10 10.20 -6.86
C THR A 794 4.71 10.13 -6.26
N ASP A 795 4.11 8.94 -6.26
CA ASP A 795 2.73 8.79 -5.76
C ASP A 795 2.78 8.41 -4.27
N LEU A 796 1.65 8.62 -3.62
CA LEU A 796 1.39 8.17 -2.23
C LEU A 796 0.23 7.16 -2.32
N ASN A 797 0.55 5.90 -2.05
CA ASN A 797 -0.41 4.81 -1.85
C ASN A 797 -1.23 4.58 -3.12
N GLY A 798 -0.69 4.93 -4.29
CA GLY A 798 -1.41 4.80 -5.57
C GLY A 798 -2.67 5.65 -5.66
N LEU A 799 -2.79 6.72 -4.87
CA LEU A 799 -3.99 7.61 -4.80
C LEU A 799 -3.69 9.00 -5.43
N GLN A 800 -2.48 9.53 -5.23
CA GLN A 800 -2.17 10.94 -5.55
C GLN A 800 -0.70 11.03 -5.88
N PHE A 801 -0.32 11.98 -6.74
CA PHE A 801 1.07 12.26 -7.08
C PHE A 801 1.49 13.56 -6.38
N ILE A 802 2.60 13.48 -5.67
CA ILE A 802 3.17 14.61 -4.87
C ILE A 802 4.46 15.10 -5.51
N LYS A 803 4.65 16.41 -5.53
CA LYS A 803 5.89 17.06 -6.02
CA LYS A 803 5.90 17.05 -6.03
C LYS A 803 7.01 16.84 -4.99
N ARG A 804 8.14 16.30 -5.46
CA ARG A 804 9.41 16.19 -4.70
C ARG A 804 10.39 17.23 -5.26
N ARG A 805 11.26 17.76 -4.39
CA ARG A 805 12.43 18.55 -4.82
C ARG A 805 13.65 17.87 -4.25
N ARG A 806 14.55 17.39 -5.12
CA ARG A 806 15.90 16.93 -4.72
C ARG A 806 16.55 18.04 -3.89
N LEU A 807 17.15 17.71 -2.75
CA LEU A 807 17.86 18.67 -1.83
C LEU A 807 19.30 18.21 -1.66
N ASP A 808 20.22 18.96 -2.27
CA ASP A 808 21.68 18.67 -2.21
C ASP A 808 22.13 18.84 -0.76
N LYS A 809 21.43 19.68 0.01
CA LYS A 809 21.74 19.87 1.45
C LYS A 809 21.48 18.57 2.23
N LEU A 810 20.70 17.61 1.70
CA LEU A 810 20.43 16.32 2.39
C LEU A 810 21.18 15.19 1.67
N PRO A 811 21.58 14.13 2.40
CA PRO A 811 22.28 13.02 1.78
C PRO A 811 21.37 12.28 0.80
N LEU A 812 22.01 11.37 0.07
CA LEU A 812 21.40 10.69 -1.11
C LEU A 812 20.12 9.96 -0.64
N GLN A 813 20.23 9.18 0.43
CA GLN A 813 19.15 8.31 0.98
C GLN A 813 17.91 9.12 1.39
N ALA A 814 18.04 10.43 1.62
CA ALA A 814 16.92 11.34 2.00
C ALA A 814 16.17 11.82 0.75
N ASN A 815 16.80 11.69 -0.42
CA ASN A 815 16.16 12.07 -1.71
C ASN A 815 15.44 10.85 -2.30
N TYR A 816 15.58 9.68 -1.65
CA TYR A 816 14.78 8.45 -1.93
C TYR A 816 13.41 8.57 -1.27
N TYR A 817 12.36 8.27 -2.06
CA TYR A 817 10.93 8.31 -1.66
C TYR A 817 10.26 6.99 -2.03
N PRO A 818 9.11 6.68 -1.39
CA PRO A 818 8.31 5.54 -1.82
C PRO A 818 7.87 5.74 -3.28
N ILE A 819 7.93 4.66 -4.06
CA ILE A 819 7.29 4.55 -5.41
C ILE A 819 6.26 3.44 -5.35
N PRO A 820 5.12 3.66 -4.65
CA PRO A 820 4.13 2.61 -4.52
C PRO A 820 3.41 2.26 -5.84
N SER A 821 3.24 3.18 -6.79
CA SER A 821 2.65 2.87 -8.13
C SER A 821 3.27 3.69 -9.28
N GLY A 822 4.03 4.76 -9.05
CA GLY A 822 4.56 5.54 -10.19
C GLY A 822 5.38 6.75 -9.80
N MET A 823 6.16 7.21 -10.78
CA MET A 823 7.01 8.40 -10.64
C MET A 823 7.11 9.05 -12.02
N PHE A 824 7.35 10.36 -12.04
CA PHE A 824 7.58 11.10 -13.31
C PHE A 824 8.43 12.35 -13.10
N ILE A 825 9.02 12.75 -14.23
CA ILE A 825 9.80 14.00 -14.46
C ILE A 825 9.19 14.69 -15.68
N GLU A 826 9.32 16.01 -15.77
CA GLU A 826 8.81 16.78 -16.92
C GLU A 826 9.47 18.14 -17.00
N ASP A 827 9.47 18.71 -18.21
CA ASP A 827 9.80 20.13 -18.49
C ASP A 827 8.57 20.76 -19.17
N ALA A 828 8.73 21.85 -19.90
CA ALA A 828 7.60 22.57 -20.53
C ALA A 828 6.98 21.69 -21.62
N ASN A 829 7.74 20.80 -22.23
CA ASN A 829 7.33 20.07 -23.47
C ASN A 829 7.08 18.57 -23.23
N THR A 830 8.00 17.90 -22.54
CA THR A 830 8.14 16.42 -22.43
C THR A 830 7.92 15.95 -20.98
N ARG A 831 7.09 14.92 -20.77
CA ARG A 831 7.01 14.13 -19.50
C ARG A 831 7.40 12.68 -19.77
N LEU A 832 8.13 12.08 -18.82
CA LEU A 832 8.37 10.62 -18.78
C LEU A 832 7.82 10.08 -17.45
N THR A 833 6.92 9.10 -17.52
CA THR A 833 6.27 8.45 -16.34
C THR A 833 6.67 6.96 -16.33
N LEU A 834 7.20 6.49 -15.21
CA LEU A 834 7.35 5.05 -14.95
C LEU A 834 6.27 4.60 -13.94
N LEU A 835 5.39 3.70 -14.38
CA LEU A 835 4.35 3.02 -13.55
C LEU A 835 4.88 1.67 -13.09
N THR A 836 4.59 1.29 -11.85
CA THR A 836 5.10 0.04 -11.21
C THR A 836 3.94 -0.89 -10.91
N GLY A 837 4.19 -2.20 -11.00
CA GLY A 837 3.25 -3.23 -10.50
C GLY A 837 3.57 -3.61 -9.05
N GLN A 838 4.45 -2.88 -8.39
CA GLN A 838 4.96 -3.25 -7.05
C GLN A 838 5.62 -2.02 -6.43
N PRO A 839 5.47 -1.85 -5.09
CA PRO A 839 6.08 -0.73 -4.40
C PRO A 839 7.59 -0.93 -4.30
N LEU A 840 8.35 0.07 -4.71
CA LEU A 840 9.83 0.07 -4.61
C LEU A 840 10.29 1.48 -4.21
N GLY A 841 11.54 1.62 -3.81
CA GLY A 841 12.12 2.92 -3.48
C GLY A 841 12.72 3.60 -4.69
N GLY A 842 12.73 4.93 -4.75
CA GLY A 842 13.22 5.65 -5.94
C GLY A 842 13.42 7.15 -5.74
N SER A 843 13.98 7.78 -6.78
CA SER A 843 14.37 9.21 -6.79
C SER A 843 14.53 9.72 -8.23
N SER A 844 14.78 11.01 -8.35
CA SER A 844 15.43 11.70 -9.50
C SER A 844 16.69 12.37 -8.95
N LEU A 845 17.84 11.71 -8.96
CA LEU A 845 19.09 12.24 -8.36
C LEU A 845 19.79 13.24 -9.32
N ALA A 846 19.29 13.50 -10.52
CA ALA A 846 19.83 14.54 -11.44
C ALA A 846 18.78 14.88 -12.49
N SER A 847 18.85 16.10 -13.04
CA SER A 847 17.95 16.53 -14.14
C SER A 847 17.79 15.38 -15.15
N GLY A 848 16.54 15.19 -15.61
CA GLY A 848 16.13 14.21 -16.63
C GLY A 848 16.35 12.76 -16.25
N GLU A 849 16.59 12.43 -14.98
CA GLU A 849 16.77 11.01 -14.56
C GLU A 849 15.59 10.54 -13.70
N LEU A 850 15.29 9.24 -13.77
CA LEU A 850 14.47 8.48 -12.77
C LEU A 850 15.25 7.23 -12.39
N GLU A 851 15.16 6.81 -11.13
CA GLU A 851 15.74 5.52 -10.69
C GLU A 851 14.81 4.86 -9.67
N ILE A 852 14.86 3.53 -9.64
CA ILE A 852 13.98 2.68 -8.80
C ILE A 852 14.77 1.43 -8.45
N MET A 853 14.86 1.15 -7.13
CA MET A 853 15.62 -0.01 -6.60
C MET A 853 14.84 -1.28 -6.89
N GLN A 854 15.56 -2.35 -7.22
CA GLN A 854 15.01 -3.65 -7.69
C GLN A 854 15.08 -4.65 -6.54
N ASP A 855 16.20 -4.67 -5.82
CA ASP A 855 16.41 -5.57 -4.66
C ASP A 855 17.66 -5.12 -3.89
N ARG A 856 17.80 -5.63 -2.67
CA ARG A 856 18.88 -5.24 -1.73
C ARG A 856 19.16 -6.47 -0.88
N ARG A 857 20.46 -6.79 -0.76
CA ARG A 857 21.02 -7.92 0.03
C ARG A 857 22.03 -7.30 1.00
N LEU A 858 21.84 -7.51 2.29
CA LEU A 858 22.50 -6.71 3.35
C LEU A 858 22.94 -7.69 4.43
N ALA A 859 24.24 -7.77 4.66
CA ALA A 859 24.86 -8.73 5.60
C ALA A 859 24.64 -8.24 7.03
N SER A 860 24.46 -6.92 7.21
CA SER A 860 24.47 -6.25 8.54
C SER A 860 23.05 -5.91 9.04
N ASP A 861 22.89 -5.84 10.37
CA ASP A 861 21.69 -5.31 11.08
C ASP A 861 21.83 -3.78 11.16
N ASP A 862 20.70 -3.05 11.13
CA ASP A 862 20.72 -1.57 11.17
C ASP A 862 20.26 -1.06 12.54
N GLU A 863 20.23 -1.94 13.54
CA GLU A 863 20.17 -1.61 14.99
C GLU A 863 18.83 -0.96 15.32
N ARG A 864 17.76 -1.41 14.68
CA ARG A 864 16.36 -0.96 14.99
C ARG A 864 15.58 -2.12 15.62
N GLY A 865 16.24 -3.24 15.96
CA GLY A 865 15.64 -4.32 16.78
C GLY A 865 15.23 -5.54 15.99
N LEU A 866 15.43 -5.56 14.67
CA LEU A 866 15.13 -6.75 13.83
C LEU A 866 16.18 -7.85 14.09
N GLY A 867 17.43 -7.46 14.35
CA GLY A 867 18.51 -8.37 14.80
C GLY A 867 18.95 -9.35 13.72
N GLN A 868 19.02 -8.88 12.48
CA GLN A 868 19.44 -9.63 11.27
C GLN A 868 19.46 -8.63 10.12
N GLY A 869 20.21 -8.94 9.06
CA GLY A 869 20.17 -8.18 7.80
C GLY A 869 19.17 -8.83 6.88
N VAL A 870 19.34 -8.62 5.58
CA VAL A 870 18.42 -9.12 4.54
C VAL A 870 19.24 -10.05 3.63
N LEU A 871 19.11 -11.36 3.85
CA LEU A 871 19.94 -12.41 3.21
C LEU A 871 19.05 -13.55 2.71
N ASP A 872 17.74 -13.28 2.59
CA ASP A 872 16.70 -14.26 2.21
C ASP A 872 16.10 -13.85 0.86
N ASN A 873 16.84 -13.10 0.04
CA ASN A 873 16.40 -12.69 -1.32
C ASN A 873 15.96 -13.91 -2.10
N LYS A 874 15.04 -13.72 -3.04
CA LYS A 874 14.56 -14.77 -3.98
C LYS A 874 14.19 -14.09 -5.29
N PRO A 875 14.25 -14.81 -6.42
CA PRO A 875 13.85 -14.25 -7.70
C PRO A 875 12.45 -13.64 -7.62
N VAL A 876 12.30 -12.40 -8.11
CA VAL A 876 10.98 -11.70 -8.25
C VAL A 876 10.90 -11.16 -9.67
N LEU A 877 9.71 -11.22 -10.28
CA LEU A 877 9.44 -10.58 -11.59
C LEU A 877 8.78 -9.23 -11.33
N HIS A 878 9.54 -8.15 -11.49
CA HIS A 878 9.05 -6.74 -11.39
C HIS A 878 8.44 -6.36 -12.73
N ILE A 879 7.35 -5.62 -12.72
CA ILE A 879 6.63 -5.18 -13.95
C ILE A 879 6.42 -3.66 -13.91
N TYR A 880 6.49 -3.04 -15.08
CA TYR A 880 6.47 -1.57 -15.26
C TYR A 880 5.81 -1.22 -16.60
N ARG A 881 5.31 0.01 -16.71
CA ARG A 881 4.97 0.62 -18.03
C ARG A 881 5.77 1.92 -18.14
N LEU A 882 6.24 2.24 -19.35
CA LEU A 882 7.10 3.42 -19.63
C LEU A 882 6.41 4.35 -20.64
N VAL A 883 5.92 5.49 -20.17
CA VAL A 883 5.08 6.45 -20.96
C VAL A 883 5.90 7.73 -21.19
N LEU A 884 6.46 7.87 -22.40
CA LEU A 884 7.03 9.16 -22.89
C LEU A 884 5.92 9.96 -23.59
N GLU A 885 5.71 11.21 -23.20
CA GLU A 885 4.55 12.04 -23.67
C GLU A 885 4.98 13.50 -23.87
N LYS A 886 4.28 14.21 -24.76
CA LYS A 886 4.38 15.69 -24.95
C LYS A 886 3.24 16.31 -24.16
N VAL A 887 3.57 17.30 -23.32
CA VAL A 887 2.61 17.90 -22.34
C VAL A 887 2.40 19.41 -22.60
N ASN A 888 2.99 19.98 -23.66
CA ASN A 888 2.90 21.44 -23.95
C ASN A 888 1.45 21.85 -24.24
N ASN A 889 0.59 20.93 -24.70
CA ASN A 889 -0.86 21.19 -24.96
C ASN A 889 -1.71 20.74 -23.78
N CYS A 890 -1.07 20.25 -22.71
CA CYS A 890 -1.74 19.82 -21.45
C CYS A 890 -1.85 21.01 -20.50
N VAL A 891 -3.01 21.16 -19.86
CA VAL A 891 -3.28 22.14 -18.78
C VAL A 891 -2.57 21.66 -17.51
N ARG A 892 -1.36 22.16 -17.25
CA ARG A 892 -0.52 21.82 -16.07
C ARG A 892 -1.03 22.59 -14.86
N PRO A 893 -0.89 22.09 -13.61
CA PRO A 893 -1.16 22.91 -12.43
C PRO A 893 -0.15 24.08 -12.30
N SER A 894 -0.55 25.12 -11.55
CA SER A 894 0.33 26.23 -11.12
C SER A 894 1.71 25.67 -10.79
N GLU A 895 2.78 26.40 -11.13
CA GLU A 895 4.18 26.10 -10.75
C GLU A 895 4.32 26.09 -9.23
N LEU A 896 3.33 26.60 -8.49
CA LEU A 896 3.32 26.59 -7.00
C LEU A 896 2.51 25.41 -6.44
N HIS A 897 1.84 24.62 -7.28
CA HIS A 897 0.96 23.50 -6.79
C HIS A 897 1.86 22.38 -6.26
N PRO A 898 1.58 21.80 -5.06
CA PRO A 898 2.39 20.68 -4.57
C PRO A 898 2.03 19.29 -5.17
N ALA A 899 1.03 19.23 -6.06
CA ALA A 899 0.52 18.00 -6.69
C ALA A 899 0.86 17.97 -8.19
N GLY A 900 0.98 16.77 -8.74
CA GLY A 900 0.99 16.49 -10.18
C GLY A 900 -0.15 15.55 -10.50
N TYR A 901 -0.51 15.41 -11.77
CA TYR A 901 -1.62 14.54 -12.24
C TYR A 901 -1.15 13.74 -13.45
N LEU A 902 -1.55 12.48 -13.55
CA LEU A 902 -1.27 11.63 -14.73
C LEU A 902 -2.10 12.15 -15.90
N THR A 903 -1.60 11.89 -17.11
CA THR A 903 -2.36 11.78 -18.37
C THR A 903 -3.27 10.53 -18.41
N SER A 904 -4.30 10.57 -19.25
CA SER A 904 -5.12 9.39 -19.62
C SER A 904 -4.20 8.18 -19.88
N ALA A 905 -3.17 8.31 -20.73
CA ALA A 905 -2.32 7.18 -21.16
C ALA A 905 -1.60 6.55 -19.94
N ALA A 906 -1.02 7.37 -19.06
CA ALA A 906 -0.25 6.92 -17.88
C ALA A 906 -1.21 6.25 -16.87
N HIS A 907 -2.36 6.86 -16.61
CA HIS A 907 -3.42 6.30 -15.75
C HIS A 907 -3.83 4.92 -16.28
N LYS A 908 -4.10 4.80 -17.59
CA LYS A 908 -4.62 3.53 -18.16
C LYS A 908 -3.53 2.47 -18.05
N ALA A 909 -2.27 2.88 -18.22
CA ALA A 909 -1.08 2.01 -18.08
C ALA A 909 -0.92 1.52 -16.62
N SER A 910 -1.13 2.39 -15.62
CA SER A 910 -1.14 1.95 -14.21
C SER A 910 -2.28 0.93 -14.05
N GLN A 911 -3.46 1.20 -14.61
CA GLN A 911 -4.63 0.26 -14.54
C GLN A 911 -4.25 -1.11 -15.14
N SER A 912 -3.53 -1.13 -16.26
CA SER A 912 -3.14 -2.42 -16.89
C SER A 912 -2.14 -3.17 -15.99
N LEU A 913 -1.31 -2.50 -15.17
CA LEU A 913 -0.39 -3.20 -14.22
C LEU A 913 -1.17 -3.73 -13.00
N LEU A 914 -2.06 -2.94 -12.42
CA LEU A 914 -2.61 -3.27 -11.08
C LEU A 914 -3.87 -4.14 -11.20
N ASP A 915 -4.73 -3.85 -12.19
CA ASP A 915 -6.00 -4.57 -12.45
C ASP A 915 -6.08 -5.02 -13.92
N PRO A 916 -5.21 -5.96 -14.36
CA PRO A 916 -5.32 -6.50 -15.71
C PRO A 916 -6.56 -7.38 -15.84
N LEU A 917 -6.84 -7.83 -17.06
CA LEU A 917 -7.81 -8.91 -17.31
C LEU A 917 -7.37 -10.18 -16.60
N ASP A 918 -8.34 -10.86 -16.01
CA ASP A 918 -8.18 -12.21 -15.41
C ASP A 918 -8.49 -13.24 -16.51
N LYS A 919 -7.75 -14.35 -16.54
CA LYS A 919 -7.86 -15.39 -17.57
C LYS A 919 -8.26 -16.71 -16.91
N PHE A 920 -9.27 -17.36 -17.48
CA PHE A 920 -9.85 -18.64 -16.99
C PHE A 920 -9.81 -19.63 -18.14
N ILE A 921 -9.18 -20.79 -17.91
CA ILE A 921 -9.17 -21.96 -18.83
C ILE A 921 -10.20 -22.96 -18.29
N PHE A 922 -11.24 -23.28 -19.06
CA PHE A 922 -12.23 -24.34 -18.69
C PHE A 922 -11.50 -25.67 -18.45
N ALA A 923 -11.80 -26.31 -17.32
CA ALA A 923 -11.03 -27.46 -16.80
C ALA A 923 -11.39 -28.72 -17.60
N GLU A 924 -12.65 -28.87 -17.99
CA GLU A 924 -13.21 -30.13 -18.57
C GLU A 924 -13.23 -30.03 -20.10
N ASN A 925 -13.55 -31.14 -20.77
CA ASN A 925 -13.51 -31.28 -22.26
C ASN A 925 -14.69 -30.53 -22.86
N GLU A 926 -15.85 -30.52 -22.19
CA GLU A 926 -17.13 -30.00 -22.72
C GLU A 926 -17.74 -29.02 -21.71
N TRP A 927 -18.41 -27.96 -22.19
CA TRP A 927 -19.06 -26.88 -21.39
C TRP A 927 -20.44 -26.59 -22.00
N ILE A 928 -21.43 -27.38 -21.60
CA ILE A 928 -22.85 -27.20 -22.01
C ILE A 928 -23.39 -26.02 -21.21
N GLY A 929 -24.15 -25.15 -21.87
CA GLY A 929 -24.75 -23.95 -21.24
C GLY A 929 -23.97 -22.68 -21.60
N ALA A 930 -22.74 -22.87 -22.09
CA ALA A 930 -21.71 -21.81 -22.28
C ALA A 930 -22.35 -20.60 -22.93
N GLN A 931 -22.22 -19.43 -22.31
CA GLN A 931 -22.62 -18.15 -22.96
C GLN A 931 -21.33 -17.42 -23.32
N GLY A 932 -21.45 -16.41 -24.18
CA GLY A 932 -20.31 -15.73 -24.83
C GLY A 932 -19.86 -14.50 -24.06
N GLN A 933 -20.75 -13.93 -23.26
CA GLN A 933 -20.56 -12.58 -22.68
C GLN A 933 -21.39 -12.42 -21.40
N PHE A 934 -20.81 -11.74 -20.40
CA PHE A 934 -21.54 -11.13 -19.25
C PHE A 934 -21.25 -9.63 -19.21
N GLY A 935 -22.27 -8.82 -18.96
CA GLY A 935 -22.12 -7.41 -18.61
C GLY A 935 -22.12 -6.52 -19.84
N GLY A 936 -22.63 -7.00 -20.97
CA GLY A 936 -22.73 -6.21 -22.21
C GLY A 936 -23.61 -4.98 -22.02
N ASP A 937 -24.50 -5.02 -21.04
CA ASP A 937 -25.48 -3.94 -20.70
C ASP A 937 -24.92 -3.02 -19.60
N HIS A 938 -23.78 -3.35 -18.97
CA HIS A 938 -23.14 -2.52 -17.89
C HIS A 938 -22.65 -1.22 -18.50
N PRO A 939 -22.91 -0.07 -17.85
CA PRO A 939 -22.47 1.23 -18.37
C PRO A 939 -20.93 1.30 -18.45
N SER A 940 -20.40 1.91 -19.51
CA SER A 940 -18.96 2.16 -19.72
C SER A 940 -18.61 3.56 -19.20
N ALA A 941 -18.14 3.66 -17.95
CA ALA A 941 -17.98 4.95 -17.24
C ALA A 941 -16.74 5.66 -17.77
N ARG A 942 -16.74 6.99 -17.64
CA ARG A 942 -15.59 7.84 -18.01
C ARG A 942 -14.30 7.26 -17.39
N GLU A 943 -13.20 7.49 -18.09
CA GLU A 943 -11.91 6.82 -17.86
C GLU A 943 -11.35 7.14 -16.46
N ASP A 944 -11.79 8.24 -15.83
CA ASP A 944 -11.17 8.73 -14.58
C ASP A 944 -11.93 8.15 -13.39
N LEU A 945 -12.98 7.37 -13.65
CA LEU A 945 -13.84 6.75 -12.60
C LEU A 945 -13.51 5.25 -12.49
N ASP A 946 -13.46 4.74 -11.26
CA ASP A 946 -13.20 3.32 -10.98
C ASP A 946 -14.21 2.88 -9.91
N VAL A 947 -14.72 1.66 -10.04
CA VAL A 947 -15.41 0.92 -8.96
C VAL A 947 -14.32 0.13 -8.26
N SER A 948 -13.64 0.80 -7.33
CA SER A 948 -12.52 0.27 -6.49
C SER A 948 -12.97 -0.99 -5.78
N VAL A 949 -14.18 -0.96 -5.21
CA VAL A 949 -14.75 -2.08 -4.43
C VAL A 949 -16.19 -2.32 -4.91
N MET A 950 -16.51 -3.58 -5.17
CA MET A 950 -17.89 -4.09 -5.17
C MET A 950 -17.91 -5.29 -4.22
N ARG A 951 -18.78 -5.25 -3.20
CA ARG A 951 -18.78 -6.28 -2.14
C ARG A 951 -20.20 -6.46 -1.65
N ARG A 952 -20.70 -7.70 -1.72
CA ARG A 952 -22.05 -8.02 -1.16
C ARG A 952 -21.87 -8.06 0.35
N LEU A 953 -22.71 -7.34 1.07
CA LEU A 953 -22.57 -7.11 2.54
C LEU A 953 -23.39 -8.14 3.33
N THR A 954 -24.33 -8.85 2.70
CA THR A 954 -25.30 -9.78 3.34
C THR A 954 -25.15 -11.21 2.83
N LYS A 955 -25.27 -12.20 3.72
CA LYS A 955 -25.38 -13.65 3.41
C LYS A 955 -26.77 -13.96 2.81
N SER A 956 -26.99 -15.20 2.35
CA SER A 956 -28.24 -15.60 1.66
C SER A 956 -29.42 -15.47 2.62
N SER A 957 -29.22 -15.84 3.90
CA SER A 957 -30.28 -15.97 4.93
C SER A 957 -30.95 -14.61 5.24
N ALA A 958 -30.45 -13.49 4.69
CA ALA A 958 -30.96 -12.14 4.98
C ALA A 958 -32.12 -11.79 4.04
N LYS A 959 -33.18 -11.21 4.60
CA LYS A 959 -34.40 -10.77 3.87
C LYS A 959 -33.99 -9.72 2.83
N THR A 960 -33.33 -8.63 3.24
CA THR A 960 -32.86 -7.56 2.32
C THR A 960 -31.38 -7.79 2.00
N GLN A 961 -31.07 -8.03 0.72
CA GLN A 961 -29.68 -8.15 0.22
C GLN A 961 -29.11 -6.73 0.07
N ARG A 962 -27.82 -6.58 0.41
CA ARG A 962 -27.13 -5.26 0.43
C ARG A 962 -25.75 -5.41 -0.21
N VAL A 963 -25.41 -4.47 -1.09
CA VAL A 963 -24.12 -4.50 -1.83
C VAL A 963 -23.45 -3.15 -1.66
N GLY A 964 -22.19 -3.20 -1.21
CA GLY A 964 -21.31 -2.04 -1.05
C GLY A 964 -20.46 -1.81 -2.29
N TYR A 965 -20.35 -0.55 -2.71
CA TYR A 965 -19.50 -0.01 -3.80
C TYR A 965 -18.65 1.15 -3.25
N VAL A 966 -17.34 1.10 -3.47
CA VAL A 966 -16.43 2.27 -3.37
C VAL A 966 -16.14 2.77 -4.79
N LEU A 967 -16.45 4.02 -5.04
CA LEU A 967 -16.20 4.76 -6.29
C LEU A 967 -15.04 5.72 -6.04
N HIS A 968 -13.99 5.65 -6.83
CA HIS A 968 -12.90 6.63 -6.80
C HIS A 968 -12.80 7.30 -8.15
N ARG A 969 -12.85 8.63 -8.18
N ARG A 969 -12.88 8.63 -8.20
CA ARG A 969 -12.58 9.43 -9.40
CA ARG A 969 -12.58 9.43 -9.42
C ARG A 969 -11.22 10.11 -9.22
C ARG A 969 -11.23 10.10 -9.22
N THR A 970 -10.27 9.79 -10.08
CA THR A 970 -8.93 10.41 -10.06
C THR A 970 -9.08 11.76 -10.73
N ASN A 971 -7.98 12.45 -10.93
CA ASN A 971 -7.92 13.65 -11.80
C ASN A 971 -6.85 13.43 -12.87
N LEU A 972 -7.25 13.50 -14.13
CA LEU A 972 -6.30 13.34 -15.25
C LEU A 972 -6.09 14.72 -15.84
N MET A 973 -4.86 14.99 -16.27
CA MET A 973 -4.47 16.21 -16.99
C MET A 973 -5.22 16.26 -18.33
N GLN A 974 -5.93 17.39 -18.56
CA GLN A 974 -6.67 17.72 -19.81
C GLN A 974 -5.64 18.13 -20.87
N CYS A 975 -5.63 17.44 -22.01
CA CYS A 975 -4.60 17.59 -23.07
C CYS A 975 -5.26 17.75 -24.45
N GLY A 976 -6.59 17.88 -24.48
CA GLY A 976 -7.38 18.19 -25.69
C GLY A 976 -7.89 16.95 -26.40
N THR A 977 -8.60 16.07 -25.69
CA THR A 977 -9.34 14.89 -26.25
C THR A 977 -10.45 14.47 -25.26
N THR A 982 -19.13 7.62 -23.49
CA THR A 982 -19.24 7.13 -22.08
C THR A 982 -20.66 7.34 -21.54
N GLN A 983 -21.19 6.35 -20.84
CA GLN A 983 -22.52 6.39 -20.17
C GLN A 983 -22.34 6.78 -18.70
N LYS A 984 -23.39 7.33 -18.07
CA LYS A 984 -23.49 7.56 -16.60
C LYS A 984 -23.48 6.21 -15.89
N LEU A 985 -22.70 6.06 -14.81
CA LEU A 985 -22.71 4.83 -13.99
C LEU A 985 -23.43 5.13 -12.68
N ASP A 986 -24.45 4.32 -12.36
CA ASP A 986 -25.23 4.43 -11.10
C ASP A 986 -25.25 3.05 -10.46
N VAL A 987 -24.42 2.86 -9.43
CA VAL A 987 -24.16 1.53 -8.82
C VAL A 987 -25.43 1.09 -8.08
N CYS A 988 -26.28 2.04 -7.70
CA CYS A 988 -27.57 1.79 -6.99
C CYS A 988 -28.40 0.83 -7.87
N HIS A 989 -28.28 0.95 -9.20
CA HIS A 989 -29.11 0.22 -10.21
C HIS A 989 -28.34 -0.87 -10.97
N LEU A 990 -27.09 -1.19 -10.60
CA LEU A 990 -26.32 -2.31 -11.21
C LEU A 990 -27.00 -3.66 -10.94
N LEU A 991 -27.49 -3.89 -9.73
CA LEU A 991 -28.26 -5.11 -9.40
C LEU A 991 -29.75 -4.78 -9.44
N PRO A 992 -30.62 -5.77 -9.75
CA PRO A 992 -32.05 -5.50 -9.97
C PRO A 992 -32.80 -5.34 -8.63
N ASN A 993 -34.02 -4.79 -8.68
CA ASN A 993 -34.95 -4.76 -7.51
C ASN A 993 -34.33 -3.98 -6.36
N VAL A 994 -33.69 -2.84 -6.65
CA VAL A 994 -33.19 -1.89 -5.62
C VAL A 994 -34.39 -1.31 -4.87
N ALA A 995 -34.48 -1.53 -3.55
CA ALA A 995 -35.45 -0.95 -2.59
C ALA A 995 -34.92 0.33 -1.93
N ARG A 996 -33.59 0.50 -1.83
CA ARG A 996 -32.95 1.61 -1.06
C ARG A 996 -31.51 1.85 -1.54
N CYS A 997 -31.03 3.08 -1.45
CA CYS A 997 -29.62 3.41 -1.75
C CYS A 997 -29.12 4.59 -0.92
N GLU A 998 -27.98 4.43 -0.21
CA GLU A 998 -27.36 5.61 0.45
C GLU A 998 -25.84 5.71 0.26
N ARG A 999 -25.39 6.96 0.29
CA ARG A 999 -23.97 7.34 0.49
C ARG A 999 -23.59 6.95 1.92
N THR A 1000 -22.52 6.18 2.04
CA THR A 1000 -22.00 5.70 3.32
C THR A 1000 -20.56 6.20 3.49
N THR A 1001 -20.05 6.06 4.70
CA THR A 1001 -18.61 6.05 5.02
C THR A 1001 -17.95 4.95 4.17
N LEU A 1002 -16.64 5.06 3.93
CA LEU A 1002 -15.93 4.18 2.98
C LEU A 1002 -15.93 2.75 3.52
N THR A 1003 -16.14 2.57 4.82
CA THR A 1003 -16.18 1.27 5.54
C THR A 1003 -17.57 0.62 5.39
N PHE A 1004 -18.53 1.39 4.85
CA PHE A 1004 -19.98 1.06 4.64
C PHE A 1004 -20.74 1.03 5.98
N LEU A 1005 -20.20 1.59 7.09
CA LEU A 1005 -20.73 1.23 8.43
C LEU A 1005 -21.72 2.29 8.91
N GLN A 1006 -21.81 3.42 8.23
CA GLN A 1006 -22.74 4.52 8.65
C GLN A 1006 -23.27 5.19 7.38
N ASN A 1007 -24.56 5.49 7.37
CA ASN A 1007 -25.24 6.22 6.28
C ASN A 1007 -24.97 7.71 6.45
N LEU A 1008 -24.64 8.41 5.36
CA LEU A 1008 -24.36 9.86 5.40
C LEU A 1008 -25.48 10.60 4.66
N GLU A 1009 -26.14 9.95 3.70
CA GLU A 1009 -27.11 10.60 2.80
C GLU A 1009 -28.03 9.53 2.22
N HIS A 1010 -29.31 9.59 2.58
CA HIS A 1010 -30.42 8.85 1.95
C HIS A 1010 -30.74 9.56 0.61
N LEU A 1011 -30.86 8.82 -0.49
CA LEU A 1011 -30.92 9.36 -1.88
C LEU A 1011 -32.35 9.24 -2.43
N MET A 1014 -33.35 6.92 -5.73
CA MET A 1014 -32.34 5.86 -5.42
C MET A 1014 -31.22 5.86 -6.49
N VAL A 1015 -30.75 7.04 -6.89
CA VAL A 1015 -29.64 7.27 -7.88
C VAL A 1015 -28.39 7.74 -7.11
N ALA A 1016 -27.24 7.10 -7.31
CA ALA A 1016 -25.93 7.58 -6.80
C ALA A 1016 -25.47 8.76 -7.64
N PRO A 1017 -25.23 9.97 -7.05
CA PRO A 1017 -24.66 11.10 -7.77
C PRO A 1017 -23.20 10.83 -8.16
N GLU A 1018 -22.74 11.39 -9.28
CA GLU A 1018 -21.35 11.19 -9.77
C GLU A 1018 -20.43 12.07 -8.92
N VAL A 1019 -19.19 11.61 -8.73
CA VAL A 1019 -18.25 12.08 -7.67
C VAL A 1019 -17.18 13.00 -8.31
N CYS A 1020 -16.64 13.92 -7.54
CA CYS A 1020 -15.73 14.99 -8.02
C CYS A 1020 -14.35 14.41 -8.32
N PRO A 1021 -13.53 15.07 -9.16
CA PRO A 1021 -12.13 14.69 -9.33
C PRO A 1021 -11.40 14.63 -7.97
N MET A 1022 -10.68 13.53 -7.72
CA MET A 1022 -9.89 13.22 -6.51
C MET A 1022 -10.80 12.95 -5.31
N GLU A 1023 -12.06 12.60 -5.54
CA GLU A 1023 -12.98 12.25 -4.45
C GLU A 1023 -13.20 10.73 -4.48
N THR A 1024 -13.46 10.15 -3.31
CA THR A 1024 -13.85 8.73 -3.14
C THR A 1024 -15.15 8.73 -2.34
N ALA A 1025 -16.17 8.03 -2.83
CA ALA A 1025 -17.48 7.94 -2.17
C ALA A 1025 -17.88 6.47 -2.11
N ALA A 1026 -18.63 6.10 -1.08
CA ALA A 1026 -19.16 4.73 -0.91
C ALA A 1026 -20.69 4.82 -0.98
N TYR A 1027 -21.30 3.81 -1.58
CA TYR A 1027 -22.77 3.64 -1.69
C TYR A 1027 -23.10 2.19 -1.32
N VAL A 1028 -24.18 2.03 -0.58
CA VAL A 1028 -24.80 0.70 -0.30
C VAL A 1028 -26.22 0.71 -0.89
N SER A 1029 -26.46 -0.17 -1.86
CA SER A 1029 -27.77 -0.46 -2.50
C SER A 1029 -28.42 -1.64 -1.76
N SER A 1030 -29.70 -1.50 -1.40
CA SER A 1030 -30.55 -2.55 -0.78
C SER A 1030 -31.51 -3.12 -1.84
N HIS A 1031 -31.81 -4.42 -1.74
CA HIS A 1031 -32.54 -5.23 -2.76
C HIS A 1031 -33.57 -6.12 -2.05
N SER A 1032 -34.81 -6.15 -2.58
CA SER A 1032 -36.05 -6.70 -1.94
C SER A 1032 -36.04 -8.22 -1.93
#